data_8OWB
#
_entry.id   8OWB
#
_cell.length_a   75.877
_cell.length_b   76.828
_cell.length_c   144.329
_cell.angle_alpha   90.00
_cell.angle_beta   90.00
_cell.angle_gamma   90.00
#
_symmetry.space_group_name_H-M   'P 21 21 21'
#
loop_
_entity.id
_entity.type
_entity.pdbx_description
1 polymer 'Coenzyme A biosynthesis bifunctional protein CoaBC'
2 non-polymer "CYTIDINE-5'-TRIPHOSPHATE"
3 non-polymer 'CALCIUM ION'
4 non-polymer '2-[5-bromanyl-1-(4-hydroxyphenyl)indol-3-yl]-2-oxidanylidene-ethanoic acid'
5 water water
#
_entity_poly.entity_id   1
_entity_poly.type   'polypeptide(L)'
_entity_poly.pdbx_seq_one_letter_code
;MAHHHHHHDMAGVKALVTAGGTREPLDPVRFIGNRSSGKQGYAVARVLAQRGADVTLIAGNTAGLIDPAGVEMVHIGSAT
QLRDAVSKHAPDANVLVMAAAVADFRPAHVAAAKIKKGASEPSSIDLVRNDDVLAGAVRARADGQLPNMRAIVGFAAETG
DANGDVLFHARAKLERKGCDLLVVNAVGENRAFEVDHNDGWLLSADGTESALEHGSKTLMATRIVDSIAAFLKSQDG
;
_entity_poly.pdbx_strand_id   A,B,C,D
#
loop_
_chem_comp.id
_chem_comp.type
_chem_comp.name
_chem_comp.formula
CA non-polymer 'CALCIUM ION' 'Ca 2'
CTP non-polymer CYTIDINE-5'-TRIPHOSPHATE 'C9 H16 N3 O14 P3'
VE6 non-polymer '2-[5-bromanyl-1-(4-hydroxyphenyl)indol-3-yl]-2-oxidanylidene-ethanoic acid' 'C16 H10 Br N O4'
#
# COMPACT_ATOMS: atom_id res chain seq x y z
N HIS A 7 -31.19 -22.36 13.85
CA HIS A 7 -30.18 -23.01 14.69
C HIS A 7 -28.79 -22.49 14.31
N HIS A 8 -27.75 -23.18 14.78
CA HIS A 8 -26.37 -22.82 14.44
C HIS A 8 -25.89 -23.65 13.24
N ASP A 9 -26.53 -23.40 12.10
CA ASP A 9 -26.29 -24.22 10.92
C ASP A 9 -24.96 -23.95 10.25
N MET A 10 -24.27 -22.87 10.62
CA MET A 10 -22.99 -22.57 10.00
C MET A 10 -21.81 -23.01 10.85
N ALA A 11 -22.04 -23.81 11.87
CA ALA A 11 -20.93 -24.27 12.69
C ALA A 11 -19.98 -25.09 11.84
N GLY A 12 -18.69 -24.85 12.03
CA GLY A 12 -17.64 -25.51 11.30
C GLY A 12 -17.26 -24.86 9.99
N VAL A 13 -17.93 -23.78 9.60
CA VAL A 13 -17.71 -23.12 8.31
C VAL A 13 -16.82 -21.90 8.50
N LYS A 14 -15.76 -21.82 7.71
CA LYS A 14 -14.89 -20.65 7.68
C LYS A 14 -15.33 -19.77 6.52
N ALA A 15 -15.68 -18.53 6.83
CA ALA A 15 -16.25 -17.61 5.85
C ALA A 15 -15.36 -16.39 5.73
N LEU A 16 -15.10 -15.98 4.49
CA LEU A 16 -14.31 -14.80 4.20
C LEU A 16 -15.21 -13.81 3.48
N VAL A 17 -15.38 -12.63 4.06
CA VAL A 17 -16.29 -11.62 3.55
C VAL A 17 -15.54 -10.36 3.21
N THR A 18 -15.84 -9.77 2.06
CA THR A 18 -15.43 -8.42 1.72
C THR A 18 -16.67 -7.52 1.76
N ALA A 19 -16.48 -6.28 2.19
CA ALA A 19 -17.58 -5.32 2.26
C ALA A 19 -17.02 -3.90 2.20
N GLY A 20 -17.85 -2.96 1.74
CA GLY A 20 -17.42 -1.59 1.57
C GLY A 20 -16.85 -1.35 0.19
N GLY A 21 -16.58 -0.09 -0.11
CA GLY A 21 -15.91 0.27 -1.33
C GLY A 21 -14.43 0.49 -1.12
N THR A 22 -13.68 0.39 -2.20
CA THR A 22 -12.24 0.67 -2.18
C THR A 22 -11.98 2.11 -2.60
N ARG A 23 -10.83 2.63 -2.16
CA ARG A 23 -10.37 3.96 -2.53
C ARG A 23 -9.03 3.81 -3.19
N GLU A 24 -8.89 4.33 -4.40
CA GLU A 24 -7.67 4.15 -5.16
C GLU A 24 -6.87 5.43 -5.14
N PRO A 25 -5.76 5.49 -4.41
CA PRO A 25 -5.09 6.76 -4.17
C PRO A 25 -4.54 7.40 -5.43
N LEU A 26 -4.70 8.70 -5.50
CA LEU A 26 -3.92 9.51 -6.41
C LEU A 26 -2.69 10.01 -5.72
N ASP A 27 -2.78 10.22 -4.42
CA ASP A 27 -1.77 10.91 -3.66
C ASP A 27 -2.17 10.69 -2.21
N PRO A 28 -1.48 11.25 -1.22
CA PRO A 28 -1.87 10.99 0.17
C PRO A 28 -3.25 11.50 0.54
N VAL A 29 -3.84 12.42 -0.24
CA VAL A 29 -5.10 13.07 0.12
C VAL A 29 -6.26 12.66 -0.79
N ARG A 30 -6.09 12.76 -2.08
CA ARG A 30 -7.08 12.41 -3.06
C ARG A 30 -7.11 10.95 -3.46
N PHE A 31 -8.24 10.50 -4.01
CA PHE A 31 -8.44 9.11 -4.41
C PHE A 31 -9.67 9.03 -5.30
N ILE A 32 -9.80 7.90 -5.99
CA ILE A 32 -11.05 7.53 -6.67
C ILE A 32 -11.80 6.55 -5.78
N GLY A 33 -13.04 6.87 -5.45
CA GLY A 33 -13.86 6.03 -4.61
C GLY A 33 -15.21 5.78 -5.25
N ASN A 34 -16.02 5.02 -4.53
CA ASN A 34 -17.40 4.77 -4.92
C ASN A 34 -18.30 4.94 -3.71
N ARG A 35 -19.62 4.92 -3.95
CA ARG A 35 -20.58 5.31 -2.93
C ARG A 35 -21.12 4.13 -2.11
N SER A 36 -20.54 2.95 -2.23
CA SER A 36 -21.00 1.79 -1.46
C SER A 36 -20.83 1.97 0.05
N SER A 37 -21.89 1.69 0.81
CA SER A 37 -21.87 1.87 2.26
C SER A 37 -21.29 0.68 3.02
N GLY A 38 -21.27 -0.51 2.42
CA GLY A 38 -20.82 -1.70 3.10
C GLY A 38 -21.81 -2.33 4.06
N LYS A 39 -23.00 -1.74 4.23
CA LYS A 39 -23.89 -2.23 5.28
C LYS A 39 -24.35 -3.66 5.02
N GLN A 40 -24.48 -4.07 3.77
CA GLN A 40 -25.04 -5.39 3.49
C GLN A 40 -24.01 -6.51 3.67
N GLY A 41 -22.75 -6.25 3.35
CA GLY A 41 -21.72 -7.25 3.64
C GLY A 41 -21.46 -7.44 5.12
N TYR A 42 -21.45 -6.34 5.89
CA TYR A 42 -21.33 -6.43 7.35
C TYR A 42 -22.46 -7.25 7.94
N ALA A 43 -23.69 -7.01 7.48
CA ALA A 43 -24.82 -7.75 8.01
C ALA A 43 -24.70 -9.23 7.66
N VAL A 44 -24.28 -9.53 6.44
CA VAL A 44 -23.98 -10.92 6.11
C VAL A 44 -22.89 -11.49 7.02
N ALA A 45 -21.82 -10.72 7.25
CA ALA A 45 -20.79 -11.18 8.17
C ALA A 45 -21.34 -11.36 9.60
N ARG A 46 -22.19 -10.43 10.05
CA ARG A 46 -22.77 -10.54 11.39
C ARG A 46 -23.66 -11.77 11.52
N VAL A 47 -24.49 -12.03 10.51
CA VAL A 47 -25.44 -13.14 10.56
C VAL A 47 -24.71 -14.47 10.49
N LEU A 48 -23.63 -14.57 9.74
CA LEU A 48 -22.88 -15.80 9.62
C LEU A 48 -22.19 -16.18 10.93
N ALA A 49 -21.67 -15.20 11.63
CA ALA A 49 -21.04 -15.41 12.91
C ALA A 49 -22.02 -15.86 13.93
N GLN A 50 -23.18 -15.23 13.96
CA GLN A 50 -24.23 -15.58 14.89
C GLN A 50 -24.75 -16.96 14.67
N ARG A 51 -24.57 -17.50 13.50
CA ARG A 51 -25.11 -18.79 13.22
C ARG A 51 -24.01 -19.81 13.28
N GLY A 52 -22.88 -19.47 13.90
CA GLY A 52 -21.82 -20.45 14.10
C GLY A 52 -20.54 -20.43 13.29
N ALA A 53 -20.42 -19.57 12.29
CA ALA A 53 -19.27 -19.56 11.47
C ALA A 53 -18.12 -18.78 11.96
N ASP A 54 -16.93 -19.13 11.48
CA ASP A 54 -15.78 -18.40 11.83
C ASP A 54 -15.64 -17.39 10.71
N VAL A 55 -15.80 -16.14 11.05
CA VAL A 55 -15.90 -15.10 10.03
C VAL A 55 -14.67 -14.21 10.06
N THR A 56 -14.09 -14.00 8.88
CA THR A 56 -13.12 -12.95 8.64
C THR A 56 -13.73 -11.97 7.67
N LEU A 57 -13.77 -10.70 8.04
CA LEU A 57 -14.36 -9.62 7.25
C LEU A 57 -13.25 -8.71 6.78
N ILE A 58 -13.04 -8.64 5.46
CA ILE A 58 -12.09 -7.70 4.90
C ILE A 58 -12.87 -6.45 4.56
N ALA A 59 -12.59 -5.37 5.27
CA ALA A 59 -13.44 -4.19 5.24
C ALA A 59 -12.69 -3.03 4.62
N GLY A 60 -13.30 -2.38 3.68
CA GLY A 60 -12.75 -1.18 3.14
C GLY A 60 -13.50 0.01 3.66
N ASN A 61 -13.76 0.98 2.79
CA ASN A 61 -14.42 2.17 3.18
C ASN A 61 -15.86 1.98 3.52
N THR A 62 -16.24 2.43 4.68
CA THR A 62 -17.61 2.31 5.12
C THR A 62 -18.22 3.59 5.61
N ALA A 63 -19.48 3.50 5.98
CA ALA A 63 -20.20 4.64 6.52
C ALA A 63 -19.90 4.93 8.00
N GLY A 64 -18.85 4.34 8.54
CA GLY A 64 -18.52 4.52 9.92
C GLY A 64 -19.03 3.34 10.70
N LEU A 65 -19.08 2.20 10.07
CA LEU A 65 -19.59 1.03 10.70
C LEU A 65 -18.71 0.43 11.78
N ILE A 66 -19.34 -0.06 12.82
CA ILE A 66 -18.62 -0.72 13.91
C ILE A 66 -18.29 -2.14 13.46
N ASP A 67 -17.08 -2.58 13.80
CA ASP A 67 -16.70 -3.96 13.59
C ASP A 67 -17.75 -4.86 14.25
N PRO A 68 -18.33 -5.81 13.54
CA PRO A 68 -19.25 -6.75 14.20
C PRO A 68 -18.50 -7.50 15.29
N ALA A 69 -19.19 -7.77 16.39
CA ALA A 69 -18.56 -8.49 17.48
C ALA A 69 -18.27 -9.93 17.07
N GLY A 70 -17.11 -10.43 17.49
CA GLY A 70 -16.72 -11.80 17.22
C GLY A 70 -16.23 -12.09 15.83
N VAL A 71 -15.97 -11.07 15.02
CA VAL A 71 -15.56 -11.24 13.63
C VAL A 71 -14.15 -10.69 13.51
N GLU A 72 -13.27 -11.43 12.83
CA GLU A 72 -11.89 -10.97 12.66
C GLU A 72 -11.85 -9.95 11.52
N MET A 73 -11.36 -8.76 11.83
CA MET A 73 -11.41 -7.63 10.92
C MET A 73 -10.07 -7.46 10.23
N VAL A 74 -10.12 -7.24 8.92
CA VAL A 74 -8.95 -6.87 8.14
C VAL A 74 -9.31 -5.61 7.37
N HIS A 75 -8.62 -4.55 7.67
CA HIS A 75 -8.90 -3.31 7.02
C HIS A 75 -8.00 -3.07 5.82
N ILE A 76 -8.60 -2.70 4.71
CA ILE A 76 -7.88 -2.45 3.50
C ILE A 76 -8.22 -1.08 2.98
N GLY A 77 -7.49 -0.61 2.00
CA GLY A 77 -7.80 0.64 1.38
C GLY A 77 -8.10 0.50 -0.08
N SER A 78 -7.15 -0.01 -0.83
CA SER A 78 -7.28 -0.19 -2.23
C SER A 78 -7.72 -1.53 -2.67
N ALA A 79 -8.16 -1.61 -3.89
CA ALA A 79 -8.51 -2.84 -4.47
C ALA A 79 -7.34 -3.80 -4.57
N THR A 80 -6.14 -3.30 -4.84
CA THR A 80 -4.95 -4.11 -4.88
C THR A 80 -4.67 -4.63 -3.48
N GLN A 81 -4.76 -3.77 -2.49
CA GLN A 81 -4.63 -4.25 -1.13
C GLN A 81 -5.73 -5.25 -0.82
N LEU A 82 -6.94 -5.02 -1.33
CA LEU A 82 -8.02 -5.98 -1.13
C LEU A 82 -7.71 -7.30 -1.80
N ARG A 83 -7.14 -7.28 -3.01
CA ARG A 83 -6.79 -8.53 -3.66
C ARG A 83 -5.77 -9.29 -2.83
N ASP A 84 -4.73 -8.60 -2.35
CA ASP A 84 -3.72 -9.27 -1.54
C ASP A 84 -4.32 -9.87 -0.29
N ALA A 85 -5.30 -9.19 0.30
CA ALA A 85 -5.86 -9.70 1.53
C ALA A 85 -6.70 -10.94 1.25
N VAL A 86 -7.43 -10.95 0.15
CA VAL A 86 -8.25 -12.11 -0.19
C VAL A 86 -7.37 -13.31 -0.51
N SER A 87 -6.33 -13.11 -1.32
CA SER A 87 -5.49 -14.25 -1.67
C SER A 87 -4.75 -14.79 -0.46
N LYS A 88 -4.48 -13.98 0.54
CA LYS A 88 -3.84 -14.39 1.77
C LYS A 88 -4.73 -15.24 2.63
N HIS A 89 -6.02 -14.92 2.74
CA HIS A 89 -6.96 -15.63 3.61
C HIS A 89 -7.82 -16.70 2.94
N ALA A 90 -7.82 -16.72 1.64
CA ALA A 90 -8.63 -17.68 0.92
C ALA A 90 -8.37 -19.15 1.06
N PRO A 91 -7.08 -19.57 1.08
CA PRO A 91 -6.90 -21.01 1.27
C PRO A 91 -7.61 -21.59 2.48
N ASP A 92 -7.78 -20.83 3.53
CA ASP A 92 -8.48 -21.30 4.73
C ASP A 92 -9.99 -21.30 4.70
N ALA A 93 -10.56 -20.59 3.75
CA ALA A 93 -11.99 -20.42 3.68
C ALA A 93 -12.90 -21.42 3.01
N ASN A 94 -14.05 -21.65 3.61
CA ASN A 94 -15.03 -22.50 2.95
C ASN A 94 -16.01 -21.72 2.09
N VAL A 95 -16.26 -20.46 2.43
CA VAL A 95 -17.21 -19.62 1.72
C VAL A 95 -16.58 -18.27 1.46
N LEU A 96 -16.69 -17.79 0.22
CA LEU A 96 -16.27 -16.45 -0.14
C LEU A 96 -17.50 -15.65 -0.55
N VAL A 97 -17.67 -14.49 0.09
CA VAL A 97 -18.78 -13.59 -0.15
C VAL A 97 -18.17 -12.26 -0.56
N MET A 98 -18.22 -11.94 -1.84
CA MET A 98 -17.56 -10.76 -2.37
C MET A 98 -18.56 -9.62 -2.41
N ALA A 99 -18.83 -9.01 -1.26
CA ALA A 99 -19.81 -7.94 -1.23
C ALA A 99 -19.20 -6.54 -1.36
N ALA A 100 -17.88 -6.44 -1.55
CA ALA A 100 -17.23 -5.14 -1.67
C ALA A 100 -17.42 -4.56 -3.06
N ALA A 101 -17.54 -3.22 -3.10
CA ALA A 101 -17.54 -2.50 -4.37
C ALA A 101 -16.09 -2.29 -4.77
N VAL A 102 -15.52 -3.29 -5.42
CA VAL A 102 -14.12 -3.22 -5.81
C VAL A 102 -13.99 -2.33 -7.02
N ALA A 103 -13.09 -1.34 -6.93
CA ALA A 103 -12.87 -0.38 -8.02
C ALA A 103 -12.34 -1.07 -9.26
N ASP A 104 -12.87 -0.72 -10.43
CA ASP A 104 -12.40 -1.37 -11.65
C ASP A 104 -11.02 -0.87 -12.11
N PHE A 105 -10.65 0.38 -11.81
CA PHE A 105 -9.42 0.98 -12.30
C PHE A 105 -8.75 1.76 -11.17
N ARG A 106 -7.44 1.95 -11.29
CA ARG A 106 -6.70 2.78 -10.34
C ARG A 106 -5.78 3.75 -11.08
N PRO A 107 -5.44 4.88 -10.46
CA PRO A 107 -4.50 5.81 -11.08
C PRO A 107 -3.17 5.16 -11.42
N ALA A 108 -2.65 5.52 -12.59
CA ALA A 108 -1.40 4.95 -13.07
C ALA A 108 -0.21 5.41 -12.24
N HIS A 109 -0.33 6.55 -11.56
CA HIS A 109 0.75 7.07 -10.72
C HIS A 109 0.23 7.55 -9.37
N VAL A 110 0.95 7.18 -8.30
CA VAL A 110 0.63 7.61 -6.95
C VAL A 110 1.75 8.52 -6.43
N ALA A 111 1.39 9.74 -6.08
CA ALA A 111 2.35 10.64 -5.45
C ALA A 111 2.50 10.31 -3.98
N ALA A 112 3.74 10.37 -3.49
CA ALA A 112 3.99 10.19 -2.07
C ALA A 112 3.67 11.46 -1.30
N ALA A 113 3.72 12.62 -1.95
CA ALA A 113 3.27 13.87 -1.34
C ALA A 113 2.10 14.45 -2.14
N LYS A 114 1.44 15.45 -1.56
CA LYS A 114 0.26 16.04 -2.16
C LYS A 114 0.59 16.77 -3.46
N ILE A 115 -0.22 16.53 -4.48
CA ILE A 115 -0.04 17.13 -5.79
C ILE A 115 -0.69 18.52 -5.79
N LYS A 116 0.10 19.57 -6.06
CA LYS A 116 -0.43 20.93 -6.00
C LYS A 116 -1.36 21.26 -7.19
N PRO A 122 -4.56 20.15 -15.04
CA PRO A 122 -5.21 19.98 -16.34
C PRO A 122 -5.15 18.55 -16.61
N SER A 123 -4.03 17.96 -16.24
CA SER A 123 -3.80 16.62 -16.57
C SER A 123 -4.88 15.69 -16.28
N SER A 124 -5.06 14.82 -17.24
CA SER A 124 -6.02 13.82 -17.07
C SER A 124 -5.44 12.80 -16.14
N ILE A 125 -6.27 12.03 -15.49
CA ILE A 125 -5.77 10.96 -14.71
C ILE A 125 -5.70 9.71 -15.56
N ASP A 126 -4.49 9.22 -15.80
CA ASP A 126 -4.33 7.95 -16.49
C ASP A 126 -4.65 6.77 -15.58
N LEU A 127 -5.36 5.78 -16.10
CA LEU A 127 -5.84 4.67 -15.30
C LEU A 127 -5.29 3.33 -15.78
N VAL A 128 -5.16 2.39 -14.84
CA VAL A 128 -4.80 1.02 -15.15
C VAL A 128 -5.83 0.10 -14.51
N ARG A 129 -6.14 -1.00 -15.16
CA ARG A 129 -7.14 -1.88 -14.64
C ARG A 129 -6.75 -2.66 -13.43
N ASN A 130 -7.67 -2.79 -12.50
CA ASN A 130 -7.49 -3.62 -11.32
C ASN A 130 -7.85 -5.07 -11.62
N ASP A 131 -7.29 -5.98 -10.84
CA ASP A 131 -7.62 -7.39 -11.02
C ASP A 131 -9.05 -7.67 -10.57
N ASP A 132 -9.69 -8.62 -11.26
CA ASP A 132 -11.00 -9.12 -10.86
C ASP A 132 -10.79 -10.20 -9.82
N VAL A 133 -11.04 -9.86 -8.55
CA VAL A 133 -10.78 -10.79 -7.46
C VAL A 133 -11.83 -11.89 -7.42
N LEU A 134 -13.10 -11.56 -7.67
CA LEU A 134 -14.12 -12.61 -7.70
C LEU A 134 -13.81 -13.62 -8.79
N ALA A 135 -13.46 -13.16 -9.98
CA ALA A 135 -13.17 -14.10 -11.07
C ALA A 135 -11.92 -14.92 -10.78
N GLY A 136 -10.90 -14.31 -10.19
CA GLY A 136 -9.69 -15.06 -9.87
C GLY A 136 -9.98 -16.18 -8.89
N ALA A 137 -10.91 -15.93 -7.96
CA ALA A 137 -11.30 -16.95 -7.01
C ALA A 137 -12.01 -18.12 -7.69
N VAL A 138 -12.92 -17.81 -8.63
CA VAL A 138 -13.63 -18.88 -9.35
C VAL A 138 -12.68 -19.75 -10.16
N ARG A 139 -11.73 -19.12 -10.86
CA ARG A 139 -10.76 -19.88 -11.66
C ARG A 139 -9.83 -20.68 -10.76
N ALA A 140 -9.38 -20.08 -9.66
CA ALA A 140 -8.51 -20.78 -8.73
C ALA A 140 -9.17 -22.06 -8.21
N ARG A 141 -10.42 -21.97 -7.80
CA ARG A 141 -11.10 -23.17 -7.34
C ARG A 141 -11.16 -24.21 -8.45
N ALA A 142 -11.54 -23.80 -9.65
CA ALA A 142 -11.64 -24.75 -10.75
C ALA A 142 -10.29 -25.37 -11.11
N ASP A 143 -9.19 -24.70 -10.78
CA ASP A 143 -7.85 -25.22 -11.06
C ASP A 143 -7.30 -26.08 -9.90
N GLY A 144 -8.14 -26.44 -8.94
CA GLY A 144 -7.70 -27.27 -7.84
C GLY A 144 -6.86 -26.57 -6.80
N GLN A 145 -6.78 -25.24 -6.85
CA GLN A 145 -5.93 -24.50 -5.92
C GLN A 145 -6.62 -24.15 -4.62
N LEU A 146 -7.94 -24.28 -4.55
CA LEU A 146 -8.73 -23.93 -3.37
C LEU A 146 -9.62 -25.12 -2.99
N PRO A 147 -9.04 -26.22 -2.51
CA PRO A 147 -9.88 -27.41 -2.26
C PRO A 147 -10.93 -27.23 -1.18
N ASN A 148 -10.76 -26.27 -0.25
CA ASN A 148 -11.71 -26.05 0.83
C ASN A 148 -12.89 -25.17 0.45
N MET A 149 -12.80 -24.45 -0.68
CA MET A 149 -13.82 -23.51 -1.11
C MET A 149 -15.11 -24.27 -1.45
N ARG A 150 -16.18 -24.01 -0.78
CA ARG A 150 -17.38 -24.71 -1.07
C ARG A 150 -18.41 -23.86 -1.75
N ALA A 151 -18.35 -22.56 -1.52
CA ALA A 151 -19.28 -21.62 -2.13
C ALA A 151 -18.59 -20.28 -2.36
N ILE A 152 -18.73 -19.75 -3.57
CA ILE A 152 -18.24 -18.43 -3.93
C ILE A 152 -19.44 -17.57 -4.32
N VAL A 153 -19.64 -16.48 -3.58
CA VAL A 153 -20.83 -15.64 -3.71
C VAL A 153 -20.39 -14.25 -4.19
N GLY A 154 -20.95 -13.81 -5.32
CA GLY A 154 -20.73 -12.47 -5.81
C GLY A 154 -21.94 -11.57 -5.60
N PHE A 155 -21.71 -10.27 -5.72
CA PHE A 155 -22.75 -9.26 -5.53
C PHE A 155 -22.80 -8.37 -6.76
N ALA A 156 -24.00 -7.89 -7.07
CA ALA A 156 -24.15 -6.99 -8.20
C ALA A 156 -25.39 -6.14 -8.01
N ALA A 157 -25.31 -4.90 -8.51
CA ALA A 157 -26.46 -4.02 -8.65
C ALA A 157 -26.66 -3.78 -10.13
N GLU A 158 -27.79 -4.23 -10.66
CA GLU A 158 -28.05 -4.18 -12.10
C GLU A 158 -29.30 -3.37 -12.38
N THR A 159 -29.30 -2.69 -13.52
CA THR A 159 -30.42 -1.94 -14.07
C THR A 159 -30.73 -2.45 -15.47
N GLY A 160 -31.96 -2.25 -15.91
CA GLY A 160 -32.31 -2.49 -17.31
C GLY A 160 -32.09 -1.19 -18.09
N ASP A 161 -31.65 -1.33 -19.33
CA ASP A 161 -31.31 -0.14 -20.10
C ASP A 161 -31.57 -0.44 -21.58
N ALA A 162 -31.00 0.40 -22.44
CA ALA A 162 -31.16 0.24 -23.88
C ALA A 162 -30.54 -1.05 -24.40
N ASN A 163 -29.67 -1.69 -23.61
CA ASN A 163 -28.98 -2.90 -24.04
C ASN A 163 -29.58 -4.18 -23.48
N GLY A 164 -30.65 -4.09 -22.69
CA GLY A 164 -31.27 -5.27 -22.14
C GLY A 164 -31.93 -4.99 -20.81
N ASP A 165 -32.84 -5.90 -20.43
CA ASP A 165 -33.61 -5.72 -19.21
C ASP A 165 -32.74 -6.05 -18.01
N VAL A 166 -33.29 -5.83 -16.82
CA VAL A 166 -32.50 -6.01 -15.62
C VAL A 166 -32.08 -7.47 -15.45
N LEU A 167 -33.02 -8.40 -15.69
CA LEU A 167 -32.75 -9.81 -15.46
C LEU A 167 -31.81 -10.38 -16.50
N PHE A 168 -31.92 -9.92 -17.75
CA PHE A 168 -30.97 -10.35 -18.77
C PHE A 168 -29.56 -9.96 -18.39
N HIS A 169 -29.38 -8.73 -17.88
CA HIS A 169 -28.06 -8.24 -17.51
C HIS A 169 -27.52 -8.97 -16.30
N ALA A 170 -28.39 -9.37 -15.40
CA ALA A 170 -27.98 -10.02 -14.17
C ALA A 170 -27.57 -11.46 -14.44
N ARG A 171 -28.32 -12.16 -15.28
CA ARG A 171 -27.94 -13.51 -15.67
C ARG A 171 -26.61 -13.48 -16.39
N ALA A 172 -26.44 -12.53 -17.31
CA ALA A 172 -25.16 -12.39 -18.00
C ALA A 172 -24.02 -12.23 -17.01
N LYS A 173 -24.26 -11.52 -15.91
CA LYS A 173 -23.23 -11.35 -14.89
C LYS A 173 -22.88 -12.68 -14.23
N LEU A 174 -23.89 -13.43 -13.84
CA LEU A 174 -23.66 -14.72 -13.23
C LEU A 174 -22.88 -15.63 -14.18
N GLU A 175 -23.32 -15.68 -15.43
CA GLU A 175 -22.68 -16.53 -16.41
C GLU A 175 -21.26 -16.08 -16.70
N ARG A 176 -21.00 -14.78 -16.64
CA ARG A 176 -19.64 -14.35 -16.92
C ARG A 176 -18.75 -14.46 -15.69
N LYS A 177 -19.31 -14.31 -14.49
CA LYS A 177 -18.49 -14.42 -13.29
C LYS A 177 -18.24 -15.86 -12.91
N GLY A 178 -19.22 -16.74 -13.15
CA GLY A 178 -19.02 -18.13 -12.83
C GLY A 178 -19.16 -18.50 -11.37
N CYS A 179 -19.68 -17.62 -10.51
CA CYS A 179 -19.77 -18.00 -9.12
C CYS A 179 -20.98 -18.91 -8.87
N ASP A 180 -21.10 -19.37 -7.62
CA ASP A 180 -22.16 -20.31 -7.24
C ASP A 180 -23.47 -19.60 -6.97
N LEU A 181 -23.39 -18.40 -6.42
CA LEU A 181 -24.56 -17.59 -6.12
C LEU A 181 -24.22 -16.15 -6.44
N LEU A 182 -25.18 -15.43 -7.03
CA LEU A 182 -25.03 -14.01 -7.30
C LEU A 182 -26.17 -13.28 -6.60
N VAL A 183 -25.83 -12.42 -5.66
CA VAL A 183 -26.83 -11.63 -4.93
C VAL A 183 -27.01 -10.31 -5.67
N VAL A 184 -28.11 -10.18 -6.37
CA VAL A 184 -28.35 -9.07 -7.28
C VAL A 184 -29.34 -8.10 -6.67
N ASN A 185 -28.97 -6.83 -6.61
CA ASN A 185 -29.90 -5.76 -6.27
C ASN A 185 -30.40 -5.11 -7.56
N ALA A 186 -31.71 -4.91 -7.66
CA ALA A 186 -32.28 -4.14 -8.77
C ALA A 186 -32.44 -2.65 -8.40
N ASN A 198 -37.05 -2.42 -2.33
CA ASN A 198 -35.71 -2.50 -2.84
C ASN A 198 -35.33 -3.95 -2.88
N ASP A 199 -35.86 -4.63 -3.89
CA ASP A 199 -35.62 -6.05 -4.07
C ASP A 199 -34.50 -6.43 -4.98
N GLY A 200 -34.63 -7.60 -5.56
CA GLY A 200 -33.66 -8.09 -6.49
C GLY A 200 -33.78 -9.59 -6.58
N TRP A 201 -32.67 -10.29 -6.70
CA TRP A 201 -32.73 -11.72 -6.90
C TRP A 201 -31.53 -12.43 -6.29
N LEU A 202 -31.67 -13.74 -6.19
CA LEU A 202 -30.61 -14.66 -5.83
C LEU A 202 -30.47 -15.65 -6.98
N LEU A 203 -29.37 -15.53 -7.73
CA LEU A 203 -29.15 -16.33 -8.92
C LEU A 203 -28.10 -17.39 -8.60
N SER A 204 -28.47 -18.66 -8.74
CA SER A 204 -27.62 -19.81 -8.46
C SER A 204 -27.02 -20.41 -9.72
N ALA A 205 -25.87 -21.06 -9.53
CA ALA A 205 -25.20 -21.73 -10.63
C ALA A 205 -25.98 -22.93 -11.16
N ASP A 206 -26.98 -23.41 -10.44
CA ASP A 206 -27.84 -24.47 -10.96
C ASP A 206 -29.01 -23.92 -11.77
N GLY A 207 -29.11 -22.60 -11.91
CA GLY A 207 -30.21 -22.03 -12.65
C GLY A 207 -31.38 -21.61 -11.79
N THR A 208 -31.29 -21.81 -10.48
CA THR A 208 -32.33 -21.34 -9.58
C THR A 208 -32.29 -19.82 -9.46
N GLU A 209 -33.47 -19.21 -9.52
CA GLU A 209 -33.63 -17.77 -9.40
C GLU A 209 -34.71 -17.48 -8.37
N SER A 210 -34.34 -16.83 -7.28
CA SER A 210 -35.28 -16.44 -6.24
C SER A 210 -35.39 -14.93 -6.20
N ALA A 211 -36.59 -14.45 -5.93
CA ALA A 211 -36.70 -13.03 -5.68
C ALA A 211 -36.10 -12.73 -4.31
N LEU A 212 -35.48 -11.58 -4.20
CA LEU A 212 -34.91 -11.14 -2.93
C LEU A 212 -35.90 -10.16 -2.37
N GLU A 213 -36.67 -10.60 -1.39
CA GLU A 213 -37.64 -9.73 -0.75
C GLU A 213 -36.91 -8.59 -0.07
N HIS A 214 -37.40 -7.38 -0.28
CA HIS A 214 -36.84 -6.23 0.44
C HIS A 214 -37.06 -6.40 1.93
N GLY A 215 -36.04 -6.04 2.70
CA GLY A 215 -36.19 -5.80 4.12
C GLY A 215 -34.99 -5.02 4.64
N SER A 216 -34.74 -5.16 5.93
CA SER A 216 -33.58 -4.53 6.52
C SER A 216 -32.32 -5.16 5.95
N LYS A 217 -31.16 -4.56 6.26
CA LYS A 217 -29.92 -5.22 5.90
C LYS A 217 -29.80 -6.55 6.64
N THR A 218 -30.29 -6.58 7.89
CA THR A 218 -30.17 -7.78 8.71
C THR A 218 -30.99 -8.93 8.15
N LEU A 219 -32.24 -8.64 7.81
CA LEU A 219 -33.17 -9.66 7.34
C LEU A 219 -32.80 -10.15 5.94
N MET A 220 -32.38 -9.24 5.05
CA MET A 220 -31.92 -9.68 3.74
C MET A 220 -30.65 -10.50 3.86
N ALA A 221 -29.78 -10.14 4.81
CA ALA A 221 -28.62 -10.98 5.09
C ALA A 221 -29.05 -12.36 5.52
N THR A 222 -30.14 -12.43 6.29
CA THR A 222 -30.68 -13.74 6.67
C THR A 222 -31.04 -14.56 5.45
N ARG A 223 -31.69 -13.95 4.45
CA ARG A 223 -32.06 -14.71 3.25
C ARG A 223 -30.82 -15.11 2.47
N ILE A 224 -29.80 -14.25 2.44
CA ILE A 224 -28.58 -14.58 1.71
C ILE A 224 -27.91 -15.80 2.36
N VAL A 225 -27.81 -15.85 3.67
CA VAL A 225 -27.15 -16.95 4.36
C VAL A 225 -27.95 -18.20 4.25
N ASP A 226 -29.26 -18.08 4.25
CA ASP A 226 -30.09 -19.22 4.05
C ASP A 226 -29.81 -19.79 2.69
N SER A 227 -29.65 -18.96 1.69
CA SER A 227 -29.27 -19.46 0.40
C SER A 227 -27.90 -20.19 0.42
N ILE A 228 -26.94 -19.64 1.13
CA ILE A 228 -25.63 -20.23 1.18
C ILE A 228 -25.77 -21.57 1.86
N ALA A 229 -26.50 -21.60 2.95
CA ALA A 229 -26.71 -22.84 3.68
C ALA A 229 -27.39 -23.81 2.80
N ALA A 230 -28.41 -23.35 2.08
CA ALA A 230 -29.12 -24.31 1.25
C ALA A 230 -28.25 -24.81 0.11
N PHE A 231 -27.31 -23.98 -0.34
CA PHE A 231 -26.35 -24.40 -1.37
C PHE A 231 -25.27 -25.31 -0.80
N LEU A 232 -24.96 -25.16 0.48
CA LEU A 232 -24.00 -26.05 1.11
C LEU A 232 -24.60 -27.44 1.31
N LYS A 233 -25.91 -27.53 1.41
CA LYS A 233 -26.56 -28.81 1.56
C LYS A 233 -26.75 -29.45 0.20
N SER A 234 -26.51 -28.70 -0.88
CA SER A 234 -26.51 -29.24 -2.23
C SER A 234 -25.53 -30.39 -2.37
N GLN A 235 -24.57 -30.48 -1.46
CA GLN A 235 -23.41 -31.31 -1.67
C GLN A 235 -23.39 -32.52 -0.72
N HIS B 7 -16.22 32.94 29.44
CA HIS B 7 -16.56 34.10 28.62
C HIS B 7 -17.33 33.66 27.38
N HIS B 8 -18.56 34.17 27.20
CA HIS B 8 -19.33 33.90 25.99
C HIS B 8 -19.06 34.98 24.94
N ASP B 9 -17.81 34.98 24.48
CA ASP B 9 -17.30 36.08 23.68
C ASP B 9 -17.84 36.09 22.26
N MET B 10 -18.50 35.03 21.79
CA MET B 10 -19.02 35.01 20.43
C MET B 10 -20.52 35.29 20.36
N ALA B 11 -21.13 35.71 21.46
CA ALA B 11 -22.54 36.04 21.47
C ALA B 11 -22.80 37.21 20.52
N GLY B 12 -23.91 37.13 19.78
CA GLY B 12 -24.22 38.17 18.84
C GLY B 12 -23.55 38.02 17.49
N VAL B 13 -22.74 36.97 17.32
CA VAL B 13 -22.00 36.72 16.10
C VAL B 13 -22.69 35.62 15.32
N LYS B 14 -22.97 35.89 14.04
CA LYS B 14 -23.48 34.89 13.13
C LYS B 14 -22.29 34.36 12.33
N ALA B 15 -22.03 33.04 12.42
CA ALA B 15 -20.87 32.40 11.83
C ALA B 15 -21.24 31.28 10.87
N LEU B 16 -20.56 31.21 9.72
CA LEU B 16 -20.79 30.17 8.70
C LEU B 16 -19.53 29.33 8.52
N VAL B 17 -19.65 28.02 8.69
CA VAL B 17 -18.53 27.10 8.63
C VAL B 17 -18.77 26.05 7.55
N THR B 18 -17.73 25.74 6.77
CA THR B 18 -17.70 24.58 5.88
C THR B 18 -16.78 23.52 6.47
N ALA B 19 -17.11 22.25 6.24
CA ALA B 19 -16.29 21.18 6.79
C ALA B 19 -16.45 19.91 5.96
N GLY B 20 -15.44 19.05 6.01
CA GLY B 20 -15.46 17.80 5.27
C GLY B 20 -14.86 17.94 3.88
N GLY B 21 -14.70 16.80 3.24
CA GLY B 21 -14.25 16.81 1.87
C GLY B 21 -15.41 16.75 0.89
N THR B 22 -15.15 17.19 -0.33
CA THR B 22 -16.12 17.12 -1.42
C THR B 22 -15.93 15.84 -2.24
N ARG B 23 -16.98 15.46 -2.95
CA ARG B 23 -16.96 14.29 -3.81
C ARG B 23 -17.42 14.69 -5.21
N GLU B 24 -16.48 14.68 -6.16
CA GLU B 24 -16.71 15.12 -7.52
C GLU B 24 -17.09 13.98 -8.38
N PRO B 25 -18.33 13.98 -8.79
CA PRO B 25 -18.78 12.81 -9.51
C PRO B 25 -18.20 12.45 -10.83
N LEU B 26 -17.92 11.17 -11.03
CA LEU B 26 -17.44 10.70 -12.31
C LEU B 26 -18.67 10.16 -12.95
N ASP B 27 -19.49 9.49 -12.15
CA ASP B 27 -20.69 8.89 -12.61
C ASP B 27 -21.61 8.79 -11.35
N PRO B 28 -22.77 8.07 -11.40
CA PRO B 28 -23.57 7.99 -10.18
C PRO B 28 -22.98 7.23 -9.01
N VAL B 29 -22.00 6.37 -9.23
CA VAL B 29 -21.37 5.57 -8.20
C VAL B 29 -19.94 6.02 -7.84
N ARG B 30 -19.14 6.42 -8.80
CA ARG B 30 -17.74 6.71 -8.55
C ARG B 30 -17.52 8.22 -8.48
N PHE B 31 -16.39 8.61 -7.89
CA PHE B 31 -16.09 10.02 -7.72
C PHE B 31 -14.62 10.18 -7.37
N ILE B 32 -14.16 11.42 -7.42
CA ILE B 32 -12.90 11.82 -6.81
C ILE B 32 -13.20 12.52 -5.49
N GLY B 33 -12.58 12.04 -4.42
CA GLY B 33 -12.75 12.61 -3.09
C GLY B 33 -11.40 12.83 -2.45
N ASN B 34 -11.44 13.26 -1.19
CA ASN B 34 -10.22 13.37 -0.39
C ASN B 34 -10.47 12.80 0.99
N ARG B 35 -9.38 12.61 1.71
CA ARG B 35 -9.48 11.96 3.00
C ARG B 35 -9.83 12.77 4.23
N SER B 36 -10.17 14.02 4.06
CA SER B 36 -10.52 14.86 5.19
C SER B 36 -11.73 14.31 5.94
N SER B 37 -11.61 14.18 7.25
CA SER B 37 -12.70 13.63 8.03
C SER B 37 -13.75 14.66 8.38
N GLY B 38 -13.40 15.95 8.31
CA GLY B 38 -14.26 17.03 8.72
C GLY B 38 -14.32 17.26 10.22
N LYS B 39 -13.65 16.45 11.03
CA LYS B 39 -13.86 16.57 12.46
C LYS B 39 -13.41 17.93 12.97
N GLN B 40 -12.44 18.56 12.30
CA GLN B 40 -11.88 19.80 12.81
C GLN B 40 -12.79 20.99 12.52
N GLY B 41 -13.40 21.04 11.34
CA GLY B 41 -14.42 22.05 11.10
C GLY B 41 -15.61 21.86 12.00
N TYR B 42 -15.99 20.59 12.25
CA TYR B 42 -17.05 20.33 13.22
C TYR B 42 -16.69 20.88 14.59
N ALA B 43 -15.44 20.69 15.02
CA ALA B 43 -15.06 21.20 16.34
C ALA B 43 -15.13 22.72 16.37
N VAL B 44 -14.68 23.40 15.31
CA VAL B 44 -14.78 24.85 15.30
C VAL B 44 -16.23 25.29 15.43
N ALA B 45 -17.12 24.66 14.66
CA ALA B 45 -18.54 24.99 14.74
C ALA B 45 -19.09 24.66 16.12
N ARG B 46 -18.63 23.56 16.71
CA ARG B 46 -19.09 23.21 18.04
C ARG B 46 -18.63 24.25 19.06
N VAL B 47 -17.38 24.68 18.97
CA VAL B 47 -16.88 25.61 19.97
C VAL B 47 -17.50 26.99 19.78
N LEU B 48 -17.70 27.40 18.54
CA LEU B 48 -18.40 28.65 18.27
C LEU B 48 -19.81 28.62 18.85
N ALA B 49 -20.54 27.54 18.64
CA ALA B 49 -21.89 27.46 19.19
C ALA B 49 -21.83 27.51 20.70
N GLN B 50 -20.82 26.88 21.29
CA GLN B 50 -20.73 26.81 22.74
C GLN B 50 -20.35 28.15 23.34
N ARG B 51 -19.82 29.06 22.54
CA ARG B 51 -19.44 30.39 23.01
C ARG B 51 -20.38 31.47 22.50
N GLY B 52 -21.57 31.07 22.05
CA GLY B 52 -22.64 32.02 21.81
C GLY B 52 -22.95 32.35 20.37
N ALA B 53 -22.21 31.85 19.40
CA ALA B 53 -22.43 32.26 18.03
C ALA B 53 -23.66 31.55 17.47
N ASP B 54 -24.32 32.22 16.51
CA ASP B 54 -25.37 31.60 15.70
C ASP B 54 -24.71 30.92 14.50
N VAL B 55 -24.65 29.58 14.50
CA VAL B 55 -23.78 28.81 13.60
C VAL B 55 -24.58 28.07 12.54
N THR B 56 -24.15 28.19 11.27
CA THR B 56 -24.62 27.39 10.15
C THR B 56 -23.44 26.57 9.63
N LEU B 57 -23.60 25.25 9.56
CA LEU B 57 -22.52 24.35 9.15
C LEU B 57 -22.87 23.69 7.81
N ILE B 58 -22.07 23.99 6.80
CA ILE B 58 -22.17 23.35 5.49
C ILE B 58 -21.18 22.20 5.51
N ALA B 59 -21.72 21.00 5.38
CA ALA B 59 -20.95 19.83 5.49
C ALA B 59 -20.96 18.92 4.31
N GLY B 60 -19.79 18.41 3.94
CA GLY B 60 -19.67 17.45 2.89
C GLY B 60 -19.66 16.03 3.37
N ASN B 61 -18.68 15.23 3.00
CA ASN B 61 -18.61 13.81 3.33
C ASN B 61 -18.39 13.59 4.82
N THR B 62 -19.42 13.77 5.62
CA THR B 62 -19.31 13.73 7.07
C THR B 62 -20.44 12.95 7.69
N ALA B 63 -20.92 11.94 7.01
CA ALA B 63 -22.07 11.20 7.47
C ALA B 63 -22.04 10.57 8.85
N GLY B 64 -20.95 9.99 9.23
CA GLY B 64 -20.83 9.36 10.51
C GLY B 64 -20.49 10.30 11.63
N LEU B 65 -20.46 11.58 11.38
CA LEU B 65 -20.24 12.55 12.43
C LEU B 65 -21.56 12.95 13.09
N ILE B 66 -21.49 13.30 14.36
CA ILE B 66 -22.67 13.80 15.06
C ILE B 66 -22.84 15.27 14.70
N ASP B 67 -24.05 15.66 14.32
CA ASP B 67 -24.36 17.07 14.14
C ASP B 67 -24.11 17.82 15.44
N PRO B 68 -23.31 18.89 15.44
CA PRO B 68 -23.09 19.64 16.69
C PRO B 68 -24.37 20.26 17.20
N ALA B 69 -24.54 20.25 18.53
CA ALA B 69 -25.75 20.80 19.11
C ALA B 69 -25.83 22.30 18.91
N GLY B 70 -27.03 22.79 18.62
CA GLY B 70 -27.25 24.21 18.40
C GLY B 70 -26.81 24.74 17.06
N VAL B 71 -26.49 23.87 16.11
CA VAL B 71 -25.93 24.26 14.82
C VAL B 71 -26.91 23.89 13.71
N GLU B 72 -27.12 24.83 12.78
CA GLU B 72 -27.98 24.61 11.62
C GLU B 72 -27.18 23.90 10.54
N MET B 73 -27.66 22.74 10.09
CA MET B 73 -26.92 21.86 9.19
C MET B 73 -27.37 22.06 7.75
N VAL B 74 -26.41 22.20 6.84
CA VAL B 74 -26.64 22.25 5.40
C VAL B 74 -25.75 21.18 4.79
N HIS B 75 -26.32 20.25 4.05
CA HIS B 75 -25.58 19.16 3.50
C HIS B 75 -25.30 19.25 2.03
N ILE B 76 -24.05 19.14 1.64
CA ILE B 76 -23.66 19.18 0.25
C ILE B 76 -22.89 17.94 -0.16
N GLY B 77 -22.63 17.81 -1.42
CA GLY B 77 -21.83 16.71 -1.91
C GLY B 77 -20.63 17.18 -2.68
N SER B 78 -20.85 18.03 -3.65
CA SER B 78 -19.81 18.51 -4.49
C SER B 78 -19.28 19.84 -4.19
N ALA B 79 -18.17 20.15 -4.79
CA ALA B 79 -17.53 21.41 -4.57
C ALA B 79 -18.33 22.56 -5.12
N THR B 80 -18.95 22.33 -6.25
CA THR B 80 -19.80 23.36 -6.82
C THR B 80 -21.05 23.58 -5.98
N GLN B 81 -21.63 22.50 -5.43
CA GLN B 81 -22.72 22.67 -4.49
C GLN B 81 -22.29 23.45 -3.25
N LEU B 82 -21.07 23.20 -2.77
CA LEU B 82 -20.55 23.96 -1.64
C LEU B 82 -20.41 25.44 -1.99
N ARG B 83 -19.89 25.73 -3.19
CA ARG B 83 -19.79 27.13 -3.63
C ARG B 83 -21.17 27.75 -3.71
N ASP B 84 -22.13 27.03 -4.29
CA ASP B 84 -23.48 27.55 -4.39
C ASP B 84 -24.11 27.73 -3.01
N ALA B 85 -23.81 26.81 -2.08
CA ALA B 85 -24.36 26.92 -0.73
C ALA B 85 -23.72 28.06 0.05
N VAL B 86 -22.42 28.29 -0.14
CA VAL B 86 -21.75 29.38 0.57
C VAL B 86 -22.27 30.73 0.08
N SER B 87 -22.42 30.90 -1.23
CA SER B 87 -22.86 32.20 -1.72
C SER B 87 -24.29 32.51 -1.26
N LYS B 88 -25.10 31.53 -0.93
CA LYS B 88 -26.42 31.72 -0.35
C LYS B 88 -26.41 32.17 1.10
N HIS B 89 -25.61 31.52 1.95
CA HIS B 89 -25.63 31.81 3.37
C HIS B 89 -24.59 32.82 3.82
N ALA B 90 -23.73 33.24 2.96
CA ALA B 90 -22.72 34.20 3.31
C ALA B 90 -23.09 35.65 3.55
N PRO B 91 -24.06 36.21 2.82
CA PRO B 91 -24.46 37.59 3.14
C PRO B 91 -24.94 37.85 4.53
N ASP B 92 -25.48 36.84 5.15
CA ASP B 92 -25.92 36.94 6.50
C ASP B 92 -24.83 36.74 7.55
N ALA B 93 -23.65 36.29 7.18
CA ALA B 93 -22.63 35.96 8.16
C ALA B 93 -21.75 37.15 8.55
N ASN B 94 -21.29 37.12 9.78
CA ASN B 94 -20.21 37.99 10.22
C ASN B 94 -18.84 37.34 10.06
N VAL B 95 -18.77 36.02 10.14
CA VAL B 95 -17.53 35.25 10.09
C VAL B 95 -17.70 34.07 9.14
N LEU B 96 -16.71 33.86 8.27
CA LEU B 96 -16.67 32.70 7.39
C LEU B 96 -15.47 31.83 7.76
N VAL B 97 -15.72 30.55 8.00
CA VAL B 97 -14.68 29.58 8.36
C VAL B 97 -14.66 28.49 7.30
N MET B 98 -13.66 28.54 6.44
CA MET B 98 -13.53 27.63 5.31
C MET B 98 -12.60 26.48 5.69
N ALA B 99 -13.12 25.54 6.47
CA ALA B 99 -12.36 24.38 6.89
C ALA B 99 -12.61 23.16 6.01
N ALA B 100 -13.44 23.27 4.97
CA ALA B 100 -13.75 22.13 4.12
C ALA B 100 -12.58 21.82 3.18
N ALA B 101 -12.39 20.53 2.92
CA ALA B 101 -11.41 20.12 1.91
C ALA B 101 -12.10 20.13 0.55
N VAL B 102 -12.17 21.32 -0.02
CA VAL B 102 -12.82 21.50 -1.32
C VAL B 102 -11.91 20.94 -2.39
N ALA B 103 -12.44 20.04 -3.22
CA ALA B 103 -11.64 19.47 -4.28
C ALA B 103 -11.28 20.56 -5.27
N ASP B 104 -9.98 20.64 -5.61
CA ASP B 104 -9.55 21.67 -6.54
C ASP B 104 -9.99 21.36 -7.96
N PHE B 105 -10.24 20.09 -8.27
CA PHE B 105 -10.59 19.67 -9.61
C PHE B 105 -11.74 18.67 -9.55
N ARG B 106 -12.49 18.63 -10.63
CA ARG B 106 -13.60 17.70 -10.82
C ARG B 106 -13.49 17.07 -12.18
N PRO B 107 -14.07 15.88 -12.38
CA PRO B 107 -14.13 15.28 -13.70
C PRO B 107 -14.79 16.22 -14.71
N ALA B 108 -14.19 16.29 -15.90
CA ALA B 108 -14.66 17.20 -16.94
C ALA B 108 -16.00 16.76 -17.51
N HIS B 109 -16.27 15.48 -17.49
CA HIS B 109 -17.51 14.92 -18.01
C HIS B 109 -18.08 14.01 -16.94
N VAL B 110 -19.39 14.07 -16.74
CA VAL B 110 -20.06 13.16 -15.83
C VAL B 110 -20.90 12.21 -16.67
N ALA B 111 -20.65 10.92 -16.52
CA ALA B 111 -21.48 9.92 -17.18
C ALA B 111 -22.81 9.83 -16.46
N ALA B 112 -23.88 9.66 -17.25
CA ALA B 112 -25.22 9.53 -16.66
C ALA B 112 -25.48 8.16 -16.05
N ALA B 113 -24.82 7.12 -16.57
CA ALA B 113 -24.87 5.79 -15.99
C ALA B 113 -23.47 5.38 -15.57
N LYS B 114 -23.39 4.32 -14.77
CA LYS B 114 -22.10 3.81 -14.32
C LYS B 114 -21.32 3.29 -15.52
N ILE B 115 -20.04 3.62 -15.56
CA ILE B 115 -19.22 3.26 -16.71
C ILE B 115 -18.86 1.79 -16.60
N LYS B 116 -19.26 0.99 -17.60
CA LYS B 116 -18.98 -0.43 -17.52
C LYS B 116 -17.49 -0.65 -17.77
N LYS B 117 -16.95 -1.68 -17.12
CA LYS B 117 -15.55 -2.05 -17.34
C LYS B 117 -15.36 -2.47 -18.78
N GLY B 118 -14.38 -1.88 -19.45
CA GLY B 118 -14.09 -2.27 -20.80
C GLY B 118 -13.31 -3.56 -20.87
N ALA B 119 -13.37 -4.21 -22.03
CA ALA B 119 -12.43 -5.28 -22.33
C ALA B 119 -11.15 -4.76 -22.96
N SER B 120 -11.14 -3.48 -23.33
CA SER B 120 -10.01 -2.81 -23.93
C SER B 120 -9.59 -1.67 -23.02
N GLU B 121 -8.46 -1.06 -23.37
CA GLU B 121 -7.79 -0.03 -22.57
C GLU B 121 -8.77 0.91 -21.92
N PRO B 122 -8.54 1.28 -20.67
CA PRO B 122 -9.39 2.31 -20.06
C PRO B 122 -8.91 3.65 -20.57
N SER B 123 -9.75 4.66 -20.31
CA SER B 123 -9.45 5.99 -20.75
C SER B 123 -9.60 6.92 -19.57
N SER B 124 -8.88 8.03 -19.68
CA SER B 124 -8.62 8.91 -18.58
C SER B 124 -9.86 9.65 -18.15
N ILE B 125 -9.73 10.22 -16.97
CA ILE B 125 -10.64 11.18 -16.41
C ILE B 125 -10.00 12.53 -16.67
N ASP B 126 -10.59 13.30 -17.58
CA ASP B 126 -10.15 14.66 -17.79
C ASP B 126 -10.64 15.51 -16.62
N LEU B 127 -9.82 16.46 -16.19
CA LEU B 127 -10.13 17.25 -15.00
C LEU B 127 -10.39 18.70 -15.38
N VAL B 128 -11.25 19.35 -14.60
CA VAL B 128 -11.55 20.76 -14.76
C VAL B 128 -11.43 21.42 -13.39
N ARG B 129 -10.97 22.67 -13.38
CA ARG B 129 -10.78 23.38 -12.13
C ARG B 129 -12.12 23.67 -11.48
N ASN B 130 -12.16 23.49 -10.17
CA ASN B 130 -13.29 23.97 -9.40
C ASN B 130 -13.03 25.40 -8.98
N ASP B 131 -14.10 26.13 -8.73
CA ASP B 131 -13.97 27.52 -8.31
C ASP B 131 -13.39 27.61 -6.89
N ASP B 132 -12.60 28.65 -6.68
CA ASP B 132 -12.02 28.98 -5.38
C ASP B 132 -13.10 29.68 -4.59
N VAL B 133 -13.69 28.95 -3.65
CA VAL B 133 -14.81 29.46 -2.86
C VAL B 133 -14.31 30.53 -1.90
N LEU B 134 -13.15 30.30 -1.30
CA LEU B 134 -12.53 31.30 -0.43
C LEU B 134 -12.19 32.57 -1.21
N ALA B 135 -11.58 32.41 -2.39
CA ALA B 135 -11.22 33.60 -3.18
C ALA B 135 -12.45 34.34 -3.67
N GLY B 136 -13.52 33.63 -4.03
CA GLY B 136 -14.74 34.31 -4.43
C GLY B 136 -15.34 35.12 -3.31
N ALA B 137 -15.36 34.56 -2.09
CA ALA B 137 -15.90 35.27 -0.94
C ALA B 137 -15.06 36.50 -0.63
N VAL B 138 -13.77 36.40 -0.74
CA VAL B 138 -12.91 37.52 -0.48
C VAL B 138 -13.16 38.61 -1.50
N ARG B 139 -13.41 38.22 -2.71
CA ARG B 139 -13.73 39.20 -3.72
C ARG B 139 -15.05 39.86 -3.55
N ALA B 140 -16.01 39.10 -3.13
CA ALA B 140 -17.31 39.64 -2.90
C ALA B 140 -17.23 40.70 -1.81
N ARG B 141 -16.53 40.37 -0.74
CA ARG B 141 -16.39 41.36 0.32
C ARG B 141 -15.71 42.62 -0.18
N ALA B 142 -14.62 42.47 -0.92
CA ALA B 142 -13.93 43.63 -1.45
C ALA B 142 -14.78 44.40 -2.44
N ASP B 143 -15.76 43.77 -3.07
CA ASP B 143 -16.63 44.45 -4.01
C ASP B 143 -17.86 45.01 -3.34
N GLY B 144 -17.89 45.03 -2.02
CA GLY B 144 -19.01 45.56 -1.28
C GLY B 144 -20.24 44.68 -1.22
N GLN B 145 -20.12 43.42 -1.59
CA GLN B 145 -21.27 42.52 -1.64
C GLN B 145 -21.56 41.81 -0.32
N LEU B 146 -20.63 41.86 0.65
CA LEU B 146 -20.76 41.18 1.93
C LEU B 146 -20.56 42.18 3.07
N PRO B 147 -21.47 43.14 3.22
CA PRO B 147 -21.25 44.21 4.21
C PRO B 147 -21.20 43.74 5.64
N ASN B 148 -21.71 42.55 5.95
CA ASN B 148 -21.68 42.00 7.31
C ASN B 148 -20.39 41.24 7.62
N MET B 149 -19.63 40.84 6.61
CA MET B 149 -18.46 39.99 6.83
C MET B 149 -17.40 40.74 7.60
N ARG B 150 -17.12 40.27 8.81
CA ARG B 150 -16.07 40.85 9.63
C ARG B 150 -14.79 40.03 9.64
N ALA B 151 -14.89 38.71 9.49
CA ALA B 151 -13.71 37.86 9.51
C ALA B 151 -13.89 36.74 8.50
N ILE B 152 -12.89 36.52 7.66
CA ILE B 152 -12.83 35.40 6.71
C ILE B 152 -11.65 34.54 7.10
N VAL B 153 -11.91 33.28 7.42
CA VAL B 153 -10.89 32.37 7.93
C VAL B 153 -10.68 31.27 6.90
N GLY B 154 -9.43 31.09 6.49
CA GLY B 154 -9.04 30.00 5.64
C GLY B 154 -8.24 28.92 6.33
N PHE B 155 -8.15 27.78 5.68
CA PHE B 155 -7.42 26.63 6.19
C PHE B 155 -6.44 26.21 5.12
N ALA B 156 -5.30 25.69 5.56
CA ALA B 156 -4.29 25.23 4.63
C ALA B 156 -3.53 24.10 5.27
N ALA B 157 -3.07 23.18 4.43
CA ALA B 157 -2.15 22.12 4.83
C ALA B 157 -0.83 22.37 4.11
N GLU B 158 0.23 22.65 4.87
CA GLU B 158 1.51 23.03 4.29
C GLU B 158 2.65 22.16 4.83
N THR B 159 3.66 21.93 4.00
CA THR B 159 4.87 21.19 4.39
C THR B 159 6.12 22.04 4.29
N ASP B 165 10.28 27.36 3.77
CA ASP B 165 9.74 27.15 5.10
C ASP B 165 8.24 26.91 5.10
N VAL B 166 7.69 26.59 6.28
CA VAL B 166 6.25 26.50 6.43
C VAL B 166 5.65 27.88 6.26
N LEU B 167 6.28 28.89 6.85
CA LEU B 167 5.75 30.25 6.83
C LEU B 167 5.84 30.87 5.44
N PHE B 168 6.89 30.54 4.70
CA PHE B 168 6.98 31.02 3.32
C PHE B 168 5.77 30.57 2.52
N HIS B 169 5.38 29.31 2.66
CA HIS B 169 4.19 28.82 1.97
C HIS B 169 2.92 29.33 2.65
N ALA B 170 2.97 29.49 3.98
CA ALA B 170 1.79 29.92 4.73
C ALA B 170 1.54 31.41 4.53
N ARG B 171 2.58 32.22 4.74
CA ARG B 171 2.43 33.66 4.53
C ARG B 171 1.99 33.97 3.10
N ALA B 172 2.40 33.17 2.13
CA ALA B 172 2.03 33.46 0.75
C ALA B 172 0.57 33.11 0.44
N LYS B 173 0.08 32.00 1.00
CA LYS B 173 -1.33 31.66 0.81
C LYS B 173 -2.20 32.76 1.38
N LEU B 174 -1.79 33.34 2.49
CA LEU B 174 -2.55 34.42 3.09
C LEU B 174 -2.74 35.58 2.12
N GLU B 175 -1.66 36.01 1.46
CA GLU B 175 -1.74 37.14 0.54
C GLU B 175 -2.50 36.81 -0.75
N ARG B 176 -2.41 35.57 -1.22
CA ARG B 176 -3.06 35.23 -2.48
C ARG B 176 -4.56 35.01 -2.29
N LYS B 177 -4.94 34.41 -1.16
CA LYS B 177 -6.35 34.28 -0.85
C LYS B 177 -6.94 35.58 -0.34
N GLY B 178 -6.15 36.37 0.39
CA GLY B 178 -6.61 37.64 0.91
C GLY B 178 -7.51 37.58 2.12
N CYS B 179 -7.58 36.45 2.81
CA CYS B 179 -8.45 36.35 3.97
C CYS B 179 -7.80 37.01 5.19
N ASP B 180 -8.57 37.06 6.28
CA ASP B 180 -8.11 37.72 7.49
C ASP B 180 -7.24 36.81 8.35
N LEU B 181 -7.55 35.53 8.40
CA LEU B 181 -6.79 34.54 9.15
C LEU B 181 -6.62 33.29 8.32
N LEU B 182 -5.45 32.68 8.40
CA LEU B 182 -5.16 31.41 7.77
C LEU B 182 -4.70 30.44 8.85
N VAL B 183 -5.45 29.36 9.02
CA VAL B 183 -5.11 28.31 9.97
C VAL B 183 -4.26 27.30 9.23
N VAL B 184 -3.00 27.22 9.56
CA VAL B 184 -2.09 26.30 8.88
C VAL B 184 -1.78 25.06 9.66
N ASN B 185 -1.95 23.95 9.01
CA ASN B 185 -1.66 22.67 9.61
C ASN B 185 -2.38 22.36 10.85
N ALA B 186 -3.69 22.60 10.88
CA ALA B 186 -4.49 22.18 11.99
C ALA B 186 -4.90 20.81 11.53
N VAL B 187 -3.93 19.92 11.44
CA VAL B 187 -4.15 18.60 10.93
C VAL B 187 -3.73 17.67 12.02
N GLY B 188 -4.22 16.45 11.97
CA GLY B 188 -3.95 15.50 13.03
C GLY B 188 -4.88 15.41 14.23
N GLU B 189 -5.14 14.19 14.74
CA GLU B 189 -5.94 13.99 15.95
C GLU B 189 -5.08 14.00 17.19
N ASN B 190 -3.79 14.30 17.05
CA ASN B 190 -2.80 13.99 18.08
C ASN B 190 -2.93 12.52 18.49
N ARG B 191 -2.85 11.65 17.48
CA ARG B 191 -2.98 10.21 17.66
C ARG B 191 -1.60 9.57 17.68
N ALA B 192 -1.50 8.44 18.38
CA ALA B 192 -0.24 7.70 18.41
C ALA B 192 0.24 7.43 16.99
N PHE B 193 1.52 7.72 16.75
CA PHE B 193 2.19 7.44 15.47
C PHE B 193 1.69 8.34 14.35
N GLU B 194 1.29 9.57 14.69
CA GLU B 194 1.09 10.66 13.74
C GLU B 194 2.20 11.68 13.96
N VAL B 195 2.84 12.12 12.87
CA VAL B 195 4.08 12.89 12.98
C VAL B 195 3.79 14.28 13.54
N ASP B 196 4.56 14.67 14.56
CA ASP B 196 4.47 15.97 15.22
C ASP B 196 5.46 16.89 14.52
N HIS B 197 5.01 17.60 13.50
CA HIS B 197 5.91 18.45 12.73
C HIS B 197 6.10 19.83 13.34
N ASN B 198 5.57 20.06 14.55
CA ASN B 198 5.57 21.36 15.23
C ASN B 198 5.38 22.48 14.21
N ASP B 199 4.38 22.30 13.35
CA ASP B 199 4.21 23.07 12.14
C ASP B 199 2.92 23.88 12.11
N GLY B 200 2.06 23.74 13.13
CA GLY B 200 0.77 24.42 13.12
C GLY B 200 0.92 25.89 13.45
N TRP B 201 0.30 26.75 12.64
CA TRP B 201 0.45 28.18 12.83
C TRP B 201 -0.90 28.85 12.62
N LEU B 202 -1.13 29.92 13.36
CA LEU B 202 -2.29 30.77 13.20
C LEU B 202 -1.82 32.08 12.57
N LEU B 203 -2.13 32.26 11.29
CA LEU B 203 -1.60 33.38 10.51
C LEU B 203 -2.67 34.43 10.29
N SER B 204 -2.42 35.63 10.80
CA SER B 204 -3.35 36.72 10.64
C SER B 204 -2.91 37.66 9.51
N ALA B 205 -3.90 38.29 8.88
CA ALA B 205 -3.59 39.22 7.79
C ALA B 205 -2.87 40.45 8.29
N ASP B 206 -2.86 40.65 9.61
CA ASP B 206 -2.07 41.72 10.21
C ASP B 206 -0.62 41.33 10.48
N GLY B 207 -0.24 40.08 10.22
CA GLY B 207 1.14 39.67 10.36
C GLY B 207 1.57 38.98 11.64
N THR B 208 0.69 38.81 12.62
CA THR B 208 1.03 37.99 13.78
C THR B 208 1.00 36.50 13.42
N GLU B 209 1.98 35.80 13.98
CA GLU B 209 2.06 34.39 13.82
C GLU B 209 1.84 33.79 15.17
N SER B 210 0.89 32.88 15.32
CA SER B 210 0.78 32.14 16.58
C SER B 210 1.10 30.68 16.30
N ALA B 211 1.81 30.03 17.21
CA ALA B 211 2.01 28.60 17.07
C ALA B 211 0.73 27.87 17.44
N LEU B 212 0.45 26.79 16.73
CA LEU B 212 -0.74 25.98 16.98
C LEU B 212 -0.31 24.67 17.62
N GLU B 213 -0.52 24.55 18.94
CA GLU B 213 -0.15 23.31 19.62
C GLU B 213 -0.96 22.14 19.06
N HIS B 214 -0.26 21.17 18.47
CA HIS B 214 -0.92 19.97 17.96
C HIS B 214 -1.42 19.14 19.14
N GLY B 215 -2.68 19.34 19.47
CA GLY B 215 -3.34 18.64 20.54
C GLY B 215 -4.65 18.11 20.00
N SER B 216 -5.65 17.98 20.87
CA SER B 216 -6.93 17.50 20.40
C SER B 216 -7.57 18.48 19.43
N LYS B 217 -8.53 17.96 18.66
CA LYS B 217 -9.33 18.80 17.77
C LYS B 217 -10.06 19.89 18.57
N THR B 218 -10.45 19.59 19.81
CA THR B 218 -11.13 20.58 20.64
C THR B 218 -10.21 21.74 21.01
N LEU B 219 -8.96 21.44 21.38
CA LEU B 219 -8.05 22.51 21.80
C LEU B 219 -7.67 23.41 20.64
N MET B 220 -7.45 22.82 19.46
CA MET B 220 -7.16 23.65 18.30
C MET B 220 -8.35 24.51 17.93
N ALA B 221 -9.56 23.97 18.06
CA ALA B 221 -10.76 24.76 17.80
C ALA B 221 -10.88 25.93 18.76
N THR B 222 -10.56 25.71 20.04
CA THR B 222 -10.53 26.82 20.97
C THR B 222 -9.49 27.85 20.58
N ARG B 223 -8.36 27.40 20.03
CA ARG B 223 -7.34 28.36 19.64
C ARG B 223 -7.81 29.18 18.45
N ILE B 224 -8.44 28.52 17.49
CA ILE B 224 -8.97 29.22 16.33
C ILE B 224 -10.05 30.20 16.74
N VAL B 225 -10.96 29.77 17.62
CA VAL B 225 -12.05 30.67 18.01
C VAL B 225 -11.52 31.78 18.91
N ASP B 226 -10.50 31.51 19.72
CA ASP B 226 -9.84 32.59 20.46
C ASP B 226 -9.29 33.63 19.49
N SER B 227 -8.77 33.16 18.37
CA SER B 227 -8.14 34.08 17.44
C SER B 227 -9.17 34.92 16.72
N ILE B 228 -10.32 34.32 16.39
CA ILE B 228 -11.38 35.06 15.71
C ILE B 228 -11.92 36.19 16.58
N ALA B 229 -12.28 35.87 17.83
CA ALA B 229 -12.83 36.89 18.70
C ALA B 229 -11.81 38.02 18.93
N ALA B 230 -10.52 37.66 19.01
CA ALA B 230 -9.50 38.67 19.14
C ALA B 230 -9.35 39.45 17.86
N PHE B 231 -9.59 38.82 16.71
CA PHE B 231 -9.56 39.62 15.50
C PHE B 231 -10.83 40.43 15.38
N LEU B 232 -11.94 39.93 15.93
CA LEU B 232 -13.18 40.70 15.89
C LEU B 232 -13.11 41.93 16.77
N LYS B 233 -12.31 41.88 17.83
CA LYS B 233 -12.20 43.00 18.75
C LYS B 233 -11.16 44.02 18.33
N SER B 234 -10.22 43.60 17.47
CA SER B 234 -9.24 44.52 16.90
C SER B 234 -9.90 45.62 16.09
N GLN B 235 -11.04 45.33 15.49
CA GLN B 235 -11.71 46.33 14.67
C GLN B 235 -12.77 47.07 15.45
N HIS C 8 10.38 -18.12 33.77
CA HIS C 8 9.09 -17.62 33.31
C HIS C 8 8.64 -16.27 33.88
N ASP C 9 9.54 -15.31 33.90
CA ASP C 9 9.22 -14.00 34.39
C ASP C 9 8.27 -13.28 33.46
N MET C 10 8.52 -13.33 32.15
CA MET C 10 7.68 -12.67 31.15
C MET C 10 6.23 -13.15 31.05
N ALA C 11 5.74 -13.97 31.97
CA ALA C 11 4.36 -14.41 31.93
C ALA C 11 3.45 -13.22 32.13
N GLY C 12 2.40 -13.15 31.33
CA GLY C 12 1.48 -12.03 31.40
C GLY C 12 1.88 -10.81 30.59
N VAL C 13 3.04 -10.83 29.94
CA VAL C 13 3.57 -9.66 29.25
C VAL C 13 3.14 -9.72 27.79
N LYS C 14 2.60 -8.63 27.29
CA LYS C 14 2.29 -8.53 25.87
C LYS C 14 3.47 -7.83 25.21
N ALA C 15 4.10 -8.51 24.26
CA ALA C 15 5.29 -7.97 23.62
C ALA C 15 5.03 -7.85 22.13
N LEU C 16 5.38 -6.71 21.59
CA LEU C 16 5.31 -6.41 20.16
C LEU C 16 6.71 -6.23 19.62
N VAL C 17 7.10 -7.07 18.67
CA VAL C 17 8.43 -7.07 18.10
C VAL C 17 8.31 -6.85 16.59
N THR C 18 9.17 -6.00 16.06
CA THR C 18 9.37 -5.90 14.63
C THR C 18 10.75 -6.46 14.29
N ALA C 19 10.85 -7.05 13.10
CA ALA C 19 12.10 -7.64 12.65
C ALA C 19 12.11 -7.68 11.12
N GLY C 20 13.32 -7.66 10.54
CA GLY C 20 13.52 -7.64 9.11
C GLY C 20 13.62 -6.23 8.55
N GLY C 21 13.99 -6.14 7.27
CA GLY C 21 14.05 -4.87 6.57
C GLY C 21 12.79 -4.61 5.77
N THR C 22 12.53 -3.35 5.43
CA THR C 22 11.38 -3.05 4.59
C THR C 22 11.79 -2.87 3.14
N ARG C 23 10.76 -2.81 2.28
CA ARG C 23 10.91 -2.66 0.84
C ARG C 23 10.00 -1.53 0.40
N GLU C 24 10.59 -0.50 -0.20
CA GLU C 24 9.86 0.69 -0.59
C GLU C 24 9.61 0.67 -2.09
N PRO C 25 8.38 0.41 -2.54
CA PRO C 25 8.15 0.21 -3.98
C PRO C 25 8.48 1.44 -4.82
N LEU C 26 9.11 1.18 -5.95
CA LEU C 26 9.22 2.15 -7.03
C LEU C 26 8.11 1.96 -8.05
N ASP C 27 7.65 0.76 -8.15
CA ASP C 27 6.94 0.25 -9.29
C ASP C 27 6.47 -1.15 -8.90
N PRO C 28 5.74 -1.90 -9.73
CA PRO C 28 5.30 -3.24 -9.28
C PRO C 28 6.43 -4.24 -9.11
N VAL C 29 7.62 -3.99 -9.68
CA VAL C 29 8.70 -4.98 -9.69
C VAL C 29 9.95 -4.56 -8.93
N ARG C 30 10.26 -3.26 -8.92
CA ARG C 30 11.46 -2.73 -8.30
C ARG C 30 11.16 -2.03 -6.99
N PHE C 31 12.17 -1.93 -6.14
CA PHE C 31 11.96 -1.39 -4.81
C PHE C 31 13.31 -0.99 -4.22
N ILE C 32 13.26 -0.20 -3.15
CA ILE C 32 14.42 0.05 -2.32
C ILE C 32 14.34 -0.86 -1.11
N GLY C 33 15.39 -1.66 -0.91
CA GLY C 33 15.45 -2.58 0.21
C GLY C 33 16.74 -2.39 0.98
N ASN C 34 16.90 -3.23 2.01
CA ASN C 34 18.13 -3.27 2.79
C ASN C 34 18.48 -4.71 3.12
N ARG C 35 19.68 -4.90 3.68
CA ARG C 35 20.23 -6.22 3.86
C ARG C 35 19.94 -6.85 5.23
N SER C 36 19.04 -6.30 6.03
CA SER C 36 18.74 -6.90 7.33
C SER C 36 18.14 -8.29 7.18
N SER C 37 18.67 -9.25 7.94
CA SER C 37 18.20 -10.62 7.92
C SER C 37 17.01 -10.86 8.85
N GLY C 38 16.79 -9.99 9.85
CA GLY C 38 15.76 -10.19 10.84
C GLY C 38 16.07 -11.19 11.93
N LYS C 39 17.25 -11.84 11.89
CA LYS C 39 17.51 -12.96 12.79
C LYS C 39 17.55 -12.56 14.25
N GLN C 40 17.99 -11.35 14.57
CA GLN C 40 18.14 -11.02 15.97
C GLN C 40 16.80 -10.66 16.60
N GLY C 41 15.92 -9.97 15.85
CA GLY C 41 14.57 -9.73 16.34
C GLY C 41 13.75 -10.99 16.50
N TYR C 42 13.86 -11.91 15.56
CA TYR C 42 13.15 -13.19 15.69
C TYR C 42 13.57 -13.93 16.95
N ALA C 43 14.87 -13.95 17.24
CA ALA C 43 15.35 -14.65 18.43
C ALA C 43 14.84 -13.97 19.69
N VAL C 44 14.86 -12.63 19.73
CA VAL C 44 14.30 -11.94 20.88
C VAL C 44 12.83 -12.31 21.04
N ALA C 45 12.07 -12.32 19.94
CA ALA C 45 10.69 -12.77 19.99
C ALA C 45 10.61 -14.20 20.52
N ARG C 46 11.53 -15.05 20.07
CA ARG C 46 11.56 -16.43 20.53
C ARG C 46 11.87 -16.50 22.02
N VAL C 47 12.85 -15.72 22.47
CA VAL C 47 13.22 -15.80 23.87
C VAL C 47 12.11 -15.23 24.73
N LEU C 48 11.45 -14.17 24.24
CA LEU C 48 10.29 -13.62 24.93
C LEU C 48 9.21 -14.69 25.10
N ALA C 49 8.87 -15.37 24.00
CA ALA C 49 7.89 -16.45 24.06
C ALA C 49 8.38 -17.58 24.92
N GLN C 50 9.70 -17.82 24.94
CA GLN C 50 10.23 -18.92 25.74
C GLN C 50 10.15 -18.61 27.23
N ARG C 51 9.85 -17.36 27.60
CA ARG C 51 9.67 -17.00 29.00
C ARG C 51 8.25 -16.64 29.37
N GLY C 52 7.27 -16.94 28.52
CA GLY C 52 5.88 -16.86 28.92
C GLY C 52 5.10 -15.70 28.33
N ALA C 53 5.73 -14.81 27.58
CA ALA C 53 5.05 -13.64 27.07
C ALA C 53 4.19 -14.00 25.87
N ASP C 54 3.16 -13.19 25.68
CA ASP C 54 2.38 -13.17 24.45
C ASP C 54 3.07 -12.23 23.47
N VAL C 55 3.65 -12.81 22.43
CA VAL C 55 4.47 -12.07 21.48
C VAL C 55 3.72 -12.00 20.17
N THR C 56 3.65 -10.80 19.61
CA THR C 56 3.23 -10.58 18.24
C THR C 56 4.44 -10.05 17.48
N LEU C 57 4.82 -10.71 16.39
CA LEU C 57 6.01 -10.38 15.64
C LEU C 57 5.62 -9.79 14.29
N ILE C 58 5.98 -8.53 14.06
CA ILE C 58 5.76 -7.88 12.77
C ILE C 58 7.03 -8.05 11.96
N ALA C 59 6.95 -8.79 10.85
CA ALA C 59 8.12 -9.20 10.10
C ALA C 59 8.09 -8.60 8.70
N GLY C 60 9.19 -7.99 8.29
CA GLY C 60 9.33 -7.55 6.92
C GLY C 60 10.09 -8.58 6.13
N ASN C 61 11.07 -8.16 5.34
CA ASN C 61 11.89 -9.06 4.54
C ASN C 61 12.91 -9.75 5.42
N THR C 62 12.97 -11.08 5.36
CA THR C 62 13.94 -11.82 6.15
C THR C 62 14.71 -12.80 5.27
N ALA C 63 15.85 -13.27 5.79
CA ALA C 63 16.57 -14.33 5.10
C ALA C 63 15.79 -15.64 5.19
N GLY C 64 14.54 -15.62 4.72
CA GLY C 64 13.65 -16.77 4.81
C GLY C 64 13.57 -17.40 6.19
N LEU C 65 13.24 -16.60 7.20
CA LEU C 65 13.20 -17.11 8.57
C LEU C 65 11.89 -17.83 8.86
N ILE C 66 11.97 -18.82 9.76
CA ILE C 66 10.79 -19.58 10.18
C ILE C 66 10.03 -18.84 11.27
N ASP C 67 8.71 -18.82 11.16
CA ASP C 67 7.84 -18.29 12.19
C ASP C 67 8.08 -18.99 13.52
N PRO C 68 8.42 -18.27 14.58
CA PRO C 68 8.57 -18.91 15.89
C PRO C 68 7.25 -19.46 16.42
N ALA C 69 7.33 -20.59 17.11
CA ALA C 69 6.14 -21.24 17.65
C ALA C 69 5.53 -20.39 18.76
N GLY C 70 4.19 -20.34 18.79
CA GLY C 70 3.51 -19.57 19.81
C GLY C 70 3.54 -18.06 19.61
N VAL C 71 3.93 -17.58 18.44
CA VAL C 71 4.08 -16.15 18.19
C VAL C 71 3.08 -15.75 17.11
N GLU C 72 2.36 -14.66 17.34
CA GLU C 72 1.39 -14.19 16.36
C GLU C 72 2.16 -13.41 15.31
N MET C 73 2.03 -13.81 14.05
CA MET C 73 2.85 -13.29 12.98
C MET C 73 2.08 -12.22 12.22
N VAL C 74 2.74 -11.10 11.95
CA VAL C 74 2.18 -10.07 11.08
C VAL C 74 3.23 -9.75 10.04
N HIS C 75 2.92 -10.04 8.80
CA HIS C 75 3.83 -9.81 7.71
C HIS C 75 3.55 -8.53 6.99
N ILE C 76 4.58 -7.77 6.73
CA ILE C 76 4.45 -6.49 6.10
C ILE C 76 5.48 -6.34 5.02
N GLY C 77 5.33 -5.30 4.22
CA GLY C 77 6.29 -5.01 3.18
C GLY C 77 7.03 -3.68 3.28
N SER C 78 6.31 -2.57 3.27
CA SER C 78 6.89 -1.26 3.34
C SER C 78 7.03 -0.69 4.72
N ALA C 79 7.75 0.41 4.83
CA ALA C 79 7.85 1.10 6.11
C ALA C 79 6.51 1.67 6.53
N THR C 80 5.71 2.10 5.56
CA THR C 80 4.38 2.58 5.91
C THR C 80 3.49 1.43 6.38
N GLN C 81 3.58 0.27 5.74
CA GLN C 81 2.81 -0.85 6.25
C GLN C 81 3.24 -1.24 7.65
N LEU C 82 4.54 -1.20 7.94
CA LEU C 82 5.01 -1.52 9.28
C LEU C 82 4.51 -0.54 10.32
N ARG C 83 4.51 0.75 10.00
CA ARG C 83 4.02 1.73 10.94
C ARG C 83 2.56 1.49 11.26
N ASP C 84 1.76 1.21 10.24
CA ASP C 84 0.35 0.96 10.45
C ASP C 84 0.13 -0.27 11.31
N ALA C 85 0.98 -1.26 11.17
CA ALA C 85 0.82 -2.46 11.98
C ALA C 85 1.17 -2.17 13.43
N VAL C 86 2.17 -1.33 13.66
CA VAL C 86 2.59 -1.02 15.01
C VAL C 86 1.51 -0.20 15.73
N SER C 87 0.98 0.84 15.07
CA SER C 87 -0.02 1.65 15.76
C SER C 87 -1.29 0.87 16.04
N LYS C 88 -1.58 -0.15 15.22
CA LYS C 88 -2.74 -0.99 15.49
C LYS C 88 -2.50 -1.85 16.73
N HIS C 89 -1.30 -2.39 16.90
CA HIS C 89 -1.03 -3.32 17.98
C HIS C 89 -0.37 -2.68 19.20
N ALA C 90 0.12 -1.46 19.10
CA ALA C 90 0.80 -0.85 20.24
C ALA C 90 -0.05 -0.75 21.49
N PRO C 91 -1.32 -0.31 21.44
CA PRO C 91 -2.08 -0.11 22.69
C PRO C 91 -2.20 -1.34 23.56
N ASP C 92 -2.05 -2.54 23.01
CA ASP C 92 -2.14 -3.75 23.82
C ASP C 92 -0.79 -4.17 24.39
N ALA C 93 0.30 -3.63 23.87
CA ALA C 93 1.62 -4.17 24.19
C ALA C 93 2.14 -3.58 25.48
N ASN C 94 2.86 -4.40 26.24
CA ASN C 94 3.65 -3.89 27.36
C ASN C 94 5.08 -3.57 26.94
N VAL C 95 5.59 -4.26 25.92
CA VAL C 95 6.96 -4.12 25.47
C VAL C 95 6.95 -3.96 23.96
N LEU C 96 7.68 -2.99 23.47
CA LEU C 96 7.92 -2.82 22.04
C LEU C 96 9.41 -3.00 21.77
N VAL C 97 9.74 -3.89 20.85
CA VAL C 97 11.12 -4.12 20.46
C VAL C 97 11.22 -3.82 18.98
N MET C 98 11.86 -2.70 18.66
CA MET C 98 11.96 -2.26 17.28
C MET C 98 13.29 -2.79 16.72
N ALA C 99 13.29 -4.08 16.38
CA ALA C 99 14.47 -4.70 15.79
C ALA C 99 14.42 -4.70 14.28
N ALA C 100 13.42 -4.06 13.69
CA ALA C 100 13.28 -3.98 12.24
C ALA C 100 14.18 -2.90 11.65
N ALA C 101 14.72 -3.17 10.46
CA ALA C 101 15.46 -2.17 9.66
C ALA C 101 14.47 -1.39 8.80
N VAL C 102 13.87 -0.37 9.43
CA VAL C 102 12.87 0.43 8.73
C VAL C 102 13.59 1.33 7.73
N ALA C 103 13.12 1.32 6.48
CA ALA C 103 13.73 2.14 5.46
C ALA C 103 13.55 3.62 5.80
N ASP C 104 14.62 4.39 5.70
CA ASP C 104 14.51 5.80 6.07
C ASP C 104 13.75 6.61 5.03
N PHE C 105 13.77 6.19 3.76
CA PHE C 105 13.14 6.96 2.69
C PHE C 105 12.39 6.02 1.76
N ARG C 106 11.39 6.58 1.09
CA ARG C 106 10.64 5.88 0.07
C ARG C 106 10.58 6.77 -1.18
N PRO C 107 10.40 6.17 -2.36
CA PRO C 107 10.23 6.98 -3.58
C PRO C 107 9.05 7.93 -3.50
N ALA C 108 9.27 9.14 -4.04
CA ALA C 108 8.25 10.19 -4.05
C ALA C 108 7.11 9.90 -5.02
N HIS C 109 7.32 9.01 -6.00
CA HIS C 109 6.29 8.58 -6.94
C HIS C 109 6.34 7.07 -7.12
N VAL C 110 5.18 6.41 -7.07
CA VAL C 110 5.04 4.97 -7.31
C VAL C 110 4.26 4.74 -8.59
N ALA C 111 4.85 4.03 -9.55
CA ALA C 111 4.17 3.64 -10.77
C ALA C 111 3.26 2.43 -10.54
N ALA C 112 2.08 2.46 -11.17
CA ALA C 112 1.19 1.33 -11.05
C ALA C 112 1.59 0.19 -11.97
N ALA C 113 2.24 0.48 -13.09
CA ALA C 113 2.81 -0.53 -13.99
C ALA C 113 4.31 -0.35 -14.08
N LYS C 114 4.99 -1.35 -14.65
CA LYS C 114 6.45 -1.33 -14.73
C LYS C 114 6.93 -0.22 -15.64
N ILE C 115 7.93 0.51 -15.17
CA ILE C 115 8.47 1.68 -15.86
C ILE C 115 9.42 1.23 -16.96
N LYS C 116 9.11 1.59 -18.21
CA LYS C 116 9.92 1.17 -19.35
C LYS C 116 11.21 1.98 -19.45
N SER C 123 16.94 8.88 -15.33
CA SER C 123 16.74 10.03 -14.49
C SER C 123 17.21 9.89 -13.07
N SER C 124 16.33 10.14 -12.14
CA SER C 124 16.72 10.16 -10.77
C SER C 124 15.46 9.85 -10.01
N ILE C 125 15.59 9.22 -8.89
CA ILE C 125 14.43 8.87 -8.11
C ILE C 125 14.33 9.87 -6.97
N ASP C 126 13.28 10.68 -6.96
CA ASP C 126 13.06 11.57 -5.83
C ASP C 126 12.56 10.76 -4.62
N LEU C 127 13.01 11.17 -3.46
CA LEU C 127 12.69 10.49 -2.24
C LEU C 127 11.96 11.30 -1.24
N VAL C 128 11.29 10.65 -0.34
CA VAL C 128 10.48 11.28 0.65
C VAL C 128 10.73 10.53 1.94
N ARG C 129 10.75 11.24 3.07
CA ARG C 129 11.00 10.63 4.36
C ARG C 129 9.91 9.76 4.90
N ASN C 130 10.28 8.63 5.48
CA ASN C 130 9.34 7.77 6.13
C ASN C 130 9.32 8.20 7.59
N ASP C 131 8.27 7.85 8.29
CA ASP C 131 8.15 8.24 9.67
C ASP C 131 8.98 7.39 10.58
N ASP C 132 9.45 7.97 11.67
CA ASP C 132 10.22 7.21 12.65
C ASP C 132 9.22 6.57 13.61
N VAL C 133 9.01 5.27 13.43
CA VAL C 133 8.00 4.55 14.21
C VAL C 133 8.45 4.41 15.66
N LEU C 134 9.74 4.17 15.89
CA LEU C 134 10.27 4.08 17.25
C LEU C 134 10.09 5.39 18.02
N ALA C 135 10.43 6.52 17.40
CA ALA C 135 10.25 7.80 18.05
C ALA C 135 8.77 8.12 18.23
N GLY C 136 7.94 7.68 17.29
CA GLY C 136 6.51 7.87 17.42
C GLY C 136 5.95 7.17 18.65
N ALA C 137 6.48 6.00 18.97
CA ALA C 137 6.04 5.29 20.17
C ALA C 137 6.48 6.02 21.43
N VAL C 138 7.73 6.50 21.47
CA VAL C 138 8.21 7.24 22.64
C VAL C 138 7.36 8.49 22.85
N ARG C 139 7.03 9.19 21.77
CA ARG C 139 6.19 10.37 21.93
C ARG C 139 4.79 9.97 22.37
N ALA C 140 4.24 8.93 21.74
CA ALA C 140 2.91 8.48 22.13
C ALA C 140 2.86 8.14 23.61
N ARG C 141 3.82 7.35 24.10
CA ARG C 141 3.83 7.06 25.52
C ARG C 141 3.97 8.33 26.34
N ALA C 142 4.90 9.21 25.95
CA ALA C 142 5.10 10.43 26.73
C ALA C 142 3.87 11.32 26.71
N ASP C 143 3.03 11.21 25.69
CA ASP C 143 1.79 11.97 25.64
C ASP C 143 0.65 11.22 26.33
N GLY C 144 0.94 10.15 27.04
CA GLY C 144 -0.09 9.42 27.74
C GLY C 144 -0.98 8.55 26.88
N GLN C 145 -0.62 8.31 25.62
CA GLN C 145 -1.46 7.50 24.74
C GLN C 145 -1.17 6.02 24.84
N LEU C 146 -0.08 5.62 25.48
CA LEU C 146 0.30 4.22 25.58
C LEU C 146 0.47 3.85 27.04
N PRO C 147 -0.61 3.84 27.83
CA PRO C 147 -0.47 3.62 29.27
C PRO C 147 0.04 2.25 29.66
N ASN C 148 -0.08 1.24 28.79
CA ASN C 148 0.44 -0.08 29.11
C ASN C 148 1.90 -0.28 28.69
N MET C 149 2.45 0.60 27.85
CA MET C 149 3.81 0.46 27.33
C MET C 149 4.83 0.68 28.44
N ARG C 150 5.47 -0.39 28.89
CA ARG C 150 6.45 -0.21 29.95
C ARG C 150 7.88 -0.19 29.43
N ALA C 151 8.15 -0.83 28.30
CA ALA C 151 9.51 -0.88 27.78
C ALA C 151 9.46 -0.71 26.27
N ILE C 152 10.24 0.25 25.78
CA ILE C 152 10.41 0.53 24.37
C ILE C 152 11.89 0.33 24.07
N VAL C 153 12.18 -0.60 23.18
CA VAL C 153 13.55 -1.00 22.88
C VAL C 153 13.84 -0.67 21.42
N GLY C 154 14.91 0.08 21.19
CA GLY C 154 15.38 0.30 19.83
C GLY C 154 16.65 -0.46 19.52
N PHE C 155 16.98 -0.61 18.25
CA PHE C 155 18.16 -1.33 17.78
C PHE C 155 18.98 -0.40 16.90
N ALA C 156 20.30 -0.55 16.93
CA ALA C 156 21.17 0.30 16.12
C ALA C 156 22.47 -0.39 15.75
N ALA C 157 22.97 -0.10 14.55
CA ALA C 157 24.29 -0.52 14.10
C ALA C 157 25.10 0.75 13.86
N GLU C 158 26.16 0.96 14.64
CA GLU C 158 26.91 2.21 14.60
C GLU C 158 28.37 1.97 14.25
N THR C 159 28.95 2.92 13.53
CA THR C 159 30.37 2.96 13.22
C THR C 159 30.95 4.29 13.70
N GLY C 160 32.26 4.30 13.91
CA GLY C 160 32.98 5.55 14.10
C GLY C 160 33.38 6.15 12.76
N ASP C 161 33.33 7.47 12.69
CA ASP C 161 33.70 8.15 11.46
C ASP C 161 34.38 9.48 11.82
N ALA C 162 34.58 10.32 10.81
CA ALA C 162 35.30 11.56 11.02
C ALA C 162 34.55 12.49 11.95
N ASN C 163 33.24 12.26 12.16
CA ASN C 163 32.43 13.08 13.06
C ASN C 163 32.29 12.51 14.45
N GLY C 164 32.84 11.34 14.73
CA GLY C 164 32.84 10.82 16.09
C GLY C 164 33.03 9.32 16.13
N ASP C 165 33.44 8.84 17.29
CA ASP C 165 33.67 7.41 17.46
C ASP C 165 32.33 6.67 17.56
N VAL C 166 32.41 5.35 17.55
CA VAL C 166 31.23 4.51 17.54
C VAL C 166 30.38 4.74 18.80
N LEU C 167 31.02 4.87 19.96
CA LEU C 167 30.26 5.01 21.19
C LEU C 167 29.57 6.38 21.28
N PHE C 168 30.24 7.42 20.79
CA PHE C 168 29.66 8.74 20.72
C PHE C 168 28.42 8.75 19.84
N HIS C 169 28.50 8.10 18.69
CA HIS C 169 27.35 8.08 17.79
C HIS C 169 26.21 7.27 18.37
N ALA C 170 26.52 6.20 19.09
CA ALA C 170 25.46 5.38 19.67
C ALA C 170 24.82 6.05 20.87
N ARG C 171 25.60 6.80 21.66
CA ARG C 171 25.00 7.59 22.72
C ARG C 171 24.08 8.65 22.17
N ALA C 172 24.47 9.29 21.07
CA ALA C 172 23.60 10.30 20.48
C ALA C 172 22.29 9.69 20.02
N LYS C 173 22.35 8.49 19.45
CA LYS C 173 21.11 7.84 19.00
C LYS C 173 20.19 7.55 20.17
N LEU C 174 20.73 7.08 21.29
CA LEU C 174 19.87 6.84 22.44
C LEU C 174 19.19 8.13 22.86
N GLU C 175 19.95 9.23 22.93
CA GLU C 175 19.37 10.51 23.35
C GLU C 175 18.38 11.05 22.34
N ARG C 176 18.61 10.90 21.06
CA ARG C 176 17.71 11.37 20.07
C ARG C 176 16.42 10.53 20.06
N LYS C 177 16.57 9.23 20.27
CA LYS C 177 15.43 8.37 20.22
C LYS C 177 14.58 8.48 21.43
N GLY C 178 15.23 8.51 22.57
CA GLY C 178 14.43 8.57 23.77
C GLY C 178 13.84 7.25 24.23
N CYS C 179 14.31 6.12 23.72
CA CYS C 179 13.75 4.84 24.13
C CYS C 179 14.39 4.39 25.45
N ASP C 180 13.87 3.27 25.97
CA ASP C 180 14.28 2.80 27.29
C ASP C 180 15.59 2.05 27.23
N LEU C 181 15.80 1.31 26.15
CA LEU C 181 17.02 0.56 25.91
C LEU C 181 17.37 0.72 24.43
N LEU C 182 18.65 0.84 24.14
CA LEU C 182 19.16 0.85 22.78
C LEU C 182 20.17 -0.28 22.69
N VAL C 183 19.90 -1.24 21.81
CA VAL C 183 20.78 -2.37 21.58
C VAL C 183 21.71 -2.00 20.43
N VAL C 184 22.97 -1.74 20.75
CA VAL C 184 23.95 -1.20 19.82
C VAL C 184 24.87 -2.31 19.31
N ASN C 185 24.98 -2.44 18.01
CA ASN C 185 25.93 -3.34 17.42
C ASN C 185 27.03 -2.49 16.84
N ALA C 186 28.24 -2.78 17.21
CA ALA C 186 29.34 -2.07 16.64
C ALA C 186 29.97 -2.76 15.44
N ASP C 199 30.59 -7.64 19.08
CA ASP C 199 30.21 -7.06 20.36
C ASP C 199 29.39 -5.79 20.17
N GLY C 200 29.22 -5.02 21.25
CA GLY C 200 28.51 -3.76 21.23
C GLY C 200 28.06 -3.31 22.61
N TRP C 201 26.85 -2.76 22.70
CA TRP C 201 26.37 -2.27 23.98
C TRP C 201 24.86 -2.32 24.12
N LEU C 202 24.45 -2.46 25.35
CA LEU C 202 23.09 -2.16 25.78
C LEU C 202 23.09 -0.83 26.53
N LEU C 203 22.49 0.19 25.93
CA LEU C 203 22.46 1.53 26.51
C LEU C 203 21.06 1.73 27.08
N SER C 204 20.98 2.02 28.37
CA SER C 204 19.74 2.19 29.11
C SER C 204 19.40 3.68 29.22
N ALA C 205 18.11 3.98 29.33
CA ALA C 205 17.70 5.38 29.40
C ALA C 205 18.16 6.05 30.70
N ASP C 206 18.55 5.29 31.72
CA ASP C 206 19.09 5.91 32.93
C ASP C 206 20.58 6.19 32.83
N GLY C 207 21.20 5.89 31.69
CA GLY C 207 22.61 6.08 31.49
C GLY C 207 23.46 4.86 31.71
N THR C 208 22.85 3.72 32.03
CA THR C 208 23.58 2.48 32.18
C THR C 208 24.07 1.98 30.82
N GLU C 209 25.34 1.52 30.76
CA GLU C 209 25.96 1.00 29.55
C GLU C 209 26.58 -0.37 29.84
N SER C 210 26.12 -1.40 29.14
CA SER C 210 26.67 -2.75 29.25
C SER C 210 27.25 -3.18 27.93
N ALA C 211 28.38 -3.88 27.96
CA ALA C 211 28.90 -4.48 26.74
C ALA C 211 28.12 -5.73 26.37
N LEU C 212 27.98 -5.96 25.08
CA LEU C 212 27.31 -7.15 24.57
C LEU C 212 28.39 -8.10 24.12
N GLU C 213 28.63 -9.16 24.90
CA GLU C 213 29.60 -10.14 24.46
C GLU C 213 29.12 -10.76 23.15
N HIS C 214 30.06 -11.00 22.25
CA HIS C 214 29.75 -11.69 21.00
C HIS C 214 29.33 -13.11 21.29
N GLY C 215 28.19 -13.52 20.75
CA GLY C 215 27.82 -14.91 20.78
C GLY C 215 26.71 -15.22 19.79
N SER C 216 25.98 -16.29 20.09
CA SER C 216 24.87 -16.72 19.25
C SER C 216 23.74 -15.68 19.27
N LYS C 217 22.84 -15.80 18.31
CA LYS C 217 21.67 -14.92 18.25
C LYS C 217 20.81 -15.04 19.51
N THR C 218 20.61 -16.28 19.98
CA THR C 218 19.80 -16.51 21.17
C THR C 218 20.47 -15.98 22.43
N LEU C 219 21.78 -16.20 22.57
CA LEU C 219 22.43 -15.81 23.81
C LEU C 219 22.40 -14.31 23.99
N MET C 220 22.63 -13.54 22.91
CA MET C 220 22.42 -12.09 23.00
C MET C 220 20.95 -11.76 23.16
N ALA C 221 20.07 -12.50 22.49
CA ALA C 221 18.64 -12.30 22.69
C ALA C 221 18.27 -12.56 24.14
N THR C 222 18.85 -13.62 24.73
CA THR C 222 18.66 -13.90 26.15
C THR C 222 19.13 -12.73 27.00
N ARG C 223 20.20 -12.06 26.59
CA ARG C 223 20.71 -10.93 27.35
C ARG C 223 19.82 -9.70 27.14
N ILE C 224 19.31 -9.51 25.92
CA ILE C 224 18.46 -8.35 25.65
C ILE C 224 17.14 -8.46 26.40
N VAL C 225 16.53 -9.65 26.40
CA VAL C 225 15.26 -9.79 27.11
C VAL C 225 15.49 -9.88 28.63
N ASP C 226 16.65 -10.36 29.07
CA ASP C 226 17.02 -10.22 30.47
C ASP C 226 17.02 -8.76 30.86
N SER C 227 17.53 -7.92 29.95
CA SER C 227 17.60 -6.49 30.20
C SER C 227 16.22 -5.86 30.14
N ILE C 228 15.39 -6.32 29.20
CA ILE C 228 14.02 -5.83 29.14
C ILE C 228 13.29 -6.17 30.44
N ALA C 229 13.36 -7.44 30.84
CA ALA C 229 12.63 -7.87 32.02
C ALA C 229 13.10 -7.15 33.29
N ALA C 230 14.32 -6.71 33.34
CA ALA C 230 14.70 -6.01 34.52
C ALA C 230 14.16 -4.61 34.60
N PHE C 231 13.99 -3.95 33.46
CA PHE C 231 13.50 -2.61 33.42
C PHE C 231 12.06 -2.66 33.77
N LEU C 232 11.41 -3.73 33.42
CA LEU C 232 9.99 -3.81 33.62
C LEU C 232 9.63 -3.95 35.07
N LYS C 233 10.62 -4.04 35.93
CA LYS C 233 10.34 -4.27 37.33
C LYS C 233 11.37 -3.51 38.10
N SER C 234 11.92 -2.47 37.49
CA SER C 234 12.90 -1.66 38.17
C SER C 234 12.03 -0.62 38.69
N GLN C 235 10.90 -0.45 38.03
CA GLN C 235 9.95 0.55 38.47
C GLN C 235 8.65 -0.17 38.71
N HIS D 7 15.55 -40.12 -23.85
CA HIS D 7 15.70 -38.87 -24.57
C HIS D 7 16.61 -37.85 -23.87
N HIS D 8 17.93 -38.04 -24.00
CA HIS D 8 18.92 -37.07 -23.50
C HIS D 8 19.31 -36.12 -24.64
N ASP D 9 18.34 -35.30 -25.03
CA ASP D 9 18.50 -34.50 -26.25
C ASP D 9 19.51 -33.38 -26.10
N MET D 10 19.93 -33.04 -24.88
CA MET D 10 20.88 -31.98 -24.65
C MET D 10 22.28 -32.50 -24.34
N ALA D 11 22.53 -33.77 -24.60
CA ALA D 11 23.86 -34.32 -24.34
C ALA D 11 24.91 -33.60 -25.17
N GLY D 12 26.02 -33.28 -24.55
CA GLY D 12 27.10 -32.58 -25.22
C GLY D 12 26.97 -31.07 -25.23
N VAL D 13 25.89 -30.52 -24.66
CA VAL D 13 25.64 -29.09 -24.67
C VAL D 13 26.16 -28.49 -23.38
N LYS D 14 26.97 -27.46 -23.50
CA LYS D 14 27.42 -26.66 -22.37
C LYS D 14 26.57 -25.40 -22.34
N ALA D 15 25.84 -25.19 -21.25
CA ALA D 15 24.86 -24.11 -21.15
C ALA D 15 25.20 -23.17 -20.01
N LEU D 16 25.09 -21.86 -20.26
CA LEU D 16 25.32 -20.84 -19.26
C LEU D 16 24.01 -20.10 -19.01
N VAL D 17 23.52 -20.17 -17.77
CA VAL D 17 22.20 -19.63 -17.43
C VAL D 17 22.35 -18.58 -16.33
N THR D 18 21.69 -17.43 -16.50
CA THR D 18 21.53 -16.47 -15.42
C THR D 18 20.09 -16.49 -14.91
N ALA D 19 19.93 -16.27 -13.61
CA ALA D 19 18.62 -16.31 -13.00
C ALA D 19 18.62 -15.46 -11.74
N GLY D 20 17.43 -15.01 -11.36
CA GLY D 20 17.30 -14.17 -10.20
C GLY D 20 17.41 -12.71 -10.54
N GLY D 21 17.13 -11.88 -9.55
CA GLY D 21 17.31 -10.46 -9.69
C GLY D 21 18.62 -10.01 -9.08
N THR D 22 19.10 -8.87 -9.55
CA THR D 22 20.29 -8.24 -9.03
C THR D 22 19.91 -7.19 -7.98
N ARG D 23 20.93 -6.66 -7.32
CA ARG D 23 20.80 -5.66 -6.27
C ARG D 23 21.86 -4.60 -6.52
N GLU D 24 21.42 -3.37 -6.73
CA GLU D 24 22.32 -2.28 -7.08
C GLU D 24 22.59 -1.43 -5.85
N PRO D 25 23.78 -1.49 -5.25
CA PRO D 25 23.99 -0.86 -3.95
C PRO D 25 23.84 0.66 -3.99
N LEU D 26 23.21 1.20 -2.97
CA LEU D 26 23.27 2.64 -2.72
C LEU D 26 24.44 2.96 -1.80
N ASP D 27 24.76 2.04 -0.92
CA ASP D 27 25.68 2.19 0.18
C ASP D 27 25.84 0.76 0.67
N PRO D 28 26.60 0.48 1.72
CA PRO D 28 26.77 -0.92 2.11
C PRO D 28 25.49 -1.63 2.56
N VAL D 29 24.43 -0.91 2.90
CA VAL D 29 23.25 -1.49 3.52
C VAL D 29 22.04 -1.46 2.60
N ARG D 30 21.89 -0.40 1.82
CA ARG D 30 20.71 -0.17 1.01
C ARG D 30 20.99 -0.53 -0.44
N PHE D 31 19.96 -0.89 -1.18
CA PHE D 31 20.11 -1.23 -2.59
C PHE D 31 18.79 -1.00 -3.30
N ILE D 32 18.85 -1.01 -4.62
CA ILE D 32 17.68 -1.11 -5.47
C ILE D 32 17.54 -2.58 -5.86
N GLY D 33 16.40 -3.18 -5.57
CA GLY D 33 16.17 -4.57 -5.90
C GLY D 33 14.89 -4.75 -6.69
N ASN D 34 14.66 -6.00 -7.09
CA ASN D 34 13.42 -6.32 -7.76
C ASN D 34 12.88 -7.63 -7.20
N ARG D 35 11.64 -7.92 -7.56
CA ARG D 35 10.88 -8.99 -6.94
C ARG D 35 11.01 -10.30 -7.69
N SER D 36 11.97 -10.41 -8.61
CA SER D 36 12.20 -11.67 -9.30
C SER D 36 12.62 -12.74 -8.31
N SER D 37 11.97 -13.89 -8.38
CA SER D 37 12.27 -15.02 -7.51
C SER D 37 13.40 -15.87 -8.03
N GLY D 38 13.70 -15.79 -9.33
CA GLY D 38 14.69 -16.63 -9.96
C GLY D 38 14.18 -18.03 -10.26
N LYS D 39 12.94 -18.33 -9.89
CA LYS D 39 12.44 -19.69 -9.99
C LYS D 39 12.37 -20.17 -11.43
N GLN D 40 12.20 -19.25 -12.39
CA GLN D 40 12.07 -19.70 -13.78
C GLN D 40 13.43 -19.99 -14.40
N GLY D 41 14.45 -19.18 -14.09
CA GLY D 41 15.78 -19.52 -14.55
C GLY D 41 16.30 -20.79 -13.90
N TYR D 42 16.03 -20.97 -12.60
CA TYR D 42 16.45 -22.21 -11.94
C TYR D 42 15.81 -23.43 -12.61
N ALA D 43 14.52 -23.33 -12.97
CA ALA D 43 13.85 -24.47 -13.60
C ALA D 43 14.46 -24.77 -14.97
N VAL D 44 14.76 -23.74 -15.76
CA VAL D 44 15.42 -23.97 -17.04
C VAL D 44 16.76 -24.69 -16.84
N ALA D 45 17.58 -24.18 -15.90
CA ALA D 45 18.86 -24.82 -15.62
C ALA D 45 18.68 -26.26 -15.15
N ARG D 46 17.67 -26.49 -14.31
CA ARG D 46 17.39 -27.83 -13.79
C ARG D 46 16.98 -28.77 -14.91
N VAL D 47 16.15 -28.30 -15.83
CA VAL D 47 15.68 -29.14 -16.93
C VAL D 47 16.81 -29.37 -17.93
N LEU D 48 17.63 -28.36 -18.18
CA LEU D 48 18.78 -28.53 -19.06
C LEU D 48 19.71 -29.63 -18.52
N ALA D 49 20.05 -29.55 -17.23
CA ALA D 49 20.92 -30.56 -16.65
C ALA D 49 20.26 -31.94 -16.67
N GLN D 50 18.94 -32.00 -16.48
CA GLN D 50 18.30 -33.31 -16.43
C GLN D 50 18.24 -33.95 -17.81
N ARG D 51 18.55 -33.20 -18.86
CA ARG D 51 18.57 -33.74 -20.21
C ARG D 51 19.97 -33.82 -20.78
N GLY D 52 21.00 -33.79 -19.94
CA GLY D 52 22.36 -34.12 -20.35
C GLY D 52 23.32 -32.97 -20.49
N ALA D 53 22.86 -31.73 -20.34
CA ALA D 53 23.74 -30.60 -20.56
C ALA D 53 24.66 -30.36 -19.37
N ASP D 54 25.81 -29.74 -19.65
CA ASP D 54 26.65 -29.09 -18.64
C ASP D 54 26.12 -27.70 -18.35
N VAL D 55 25.54 -27.50 -17.17
CA VAL D 55 24.93 -26.22 -16.84
C VAL D 55 25.80 -25.53 -15.81
N THR D 56 26.10 -24.25 -16.08
CA THR D 56 26.62 -23.31 -15.10
C THR D 56 25.52 -22.27 -14.89
N LEU D 57 25.13 -22.05 -13.63
CA LEU D 57 24.04 -21.14 -13.27
C LEU D 57 24.59 -19.93 -12.53
N ILE D 58 24.47 -18.76 -13.13
CA ILE D 58 24.85 -17.52 -12.45
C ILE D 58 23.60 -16.97 -11.76
N ALA D 59 23.65 -16.95 -10.45
CA ALA D 59 22.53 -16.56 -9.62
C ALA D 59 22.62 -15.34 -8.81
N GLY D 60 21.60 -14.51 -8.91
CA GLY D 60 21.53 -13.33 -8.08
C GLY D 60 20.80 -13.51 -6.78
N ASN D 61 19.80 -12.70 -6.47
CA ASN D 61 19.04 -12.74 -5.22
C ASN D 61 18.16 -13.99 -5.07
N THR D 62 18.79 -15.11 -4.90
CA THR D 62 18.04 -16.35 -4.70
C THR D 62 18.78 -17.22 -3.71
N ALA D 63 18.92 -16.71 -2.51
CA ALA D 63 19.51 -17.48 -1.44
C ALA D 63 18.43 -18.37 -0.79
N GLY D 64 17.17 -18.17 -1.12
CA GLY D 64 16.11 -19.05 -0.66
C GLY D 64 15.91 -20.28 -1.52
N LEU D 65 16.32 -20.25 -2.75
CA LEU D 65 16.21 -21.43 -3.58
C LEU D 65 17.35 -22.41 -3.46
N ILE D 66 17.05 -23.65 -3.73
CA ILE D 66 18.04 -24.68 -3.68
C ILE D 66 18.88 -24.82 -4.95
N ASP D 67 20.18 -25.03 -4.80
CA ASP D 67 21.07 -25.29 -5.93
C ASP D 67 20.56 -26.50 -6.70
N PRO D 68 20.28 -26.37 -7.99
CA PRO D 68 19.83 -27.55 -8.74
C PRO D 68 20.92 -28.60 -8.84
N ALA D 69 20.53 -29.85 -8.70
CA ALA D 69 21.51 -30.92 -8.72
C ALA D 69 22.15 -31.01 -10.09
N GLY D 70 23.45 -31.29 -10.10
CA GLY D 70 24.18 -31.40 -11.35
C GLY D 70 24.50 -30.06 -12.00
N VAL D 71 24.29 -28.96 -11.31
CA VAL D 71 24.47 -27.63 -11.86
C VAL D 71 25.61 -26.97 -11.09
N GLU D 72 26.53 -26.35 -11.82
CA GLU D 72 27.63 -25.59 -11.22
C GLU D 72 27.15 -24.19 -10.89
N MET D 73 27.32 -23.78 -9.64
CA MET D 73 26.74 -22.56 -9.11
C MET D 73 27.75 -21.42 -9.09
N VAL D 74 27.34 -20.27 -9.61
CA VAL D 74 28.11 -19.02 -9.51
C VAL D 74 27.17 -17.98 -8.95
N HIS D 75 27.61 -17.37 -7.87
CA HIS D 75 26.83 -16.37 -7.22
C HIS D 75 27.28 -14.94 -7.39
N ILE D 76 26.33 -14.06 -7.66
CA ILE D 76 26.61 -12.67 -7.81
C ILE D 76 25.60 -11.82 -7.04
N GLY D 77 25.84 -10.53 -6.96
CA GLY D 77 24.94 -9.62 -6.32
C GLY D 77 24.45 -8.54 -7.24
N SER D 78 25.35 -7.78 -7.82
CA SER D 78 24.99 -6.72 -8.72
C SER D 78 24.94 -7.06 -10.17
N ALA D 79 24.36 -6.17 -10.95
CA ALA D 79 24.27 -6.35 -12.37
C ALA D 79 25.62 -6.30 -13.03
N THR D 80 26.50 -5.49 -12.49
CA THR D 80 27.85 -5.45 -13.01
C THR D 80 28.60 -6.72 -12.66
N GLN D 81 28.45 -7.23 -11.45
CA GLN D 81 29.05 -8.51 -11.08
C GLN D 81 28.51 -9.64 -11.97
N LEU D 82 27.23 -9.58 -12.33
CA LEU D 82 26.67 -10.53 -13.28
C LEU D 82 27.34 -10.37 -14.64
N ARG D 83 27.61 -9.13 -15.06
CA ARG D 83 28.26 -8.93 -16.35
C ARG D 83 29.66 -9.56 -16.37
N ASP D 84 30.44 -9.31 -15.32
CA ASP D 84 31.78 -9.88 -15.25
C ASP D 84 31.76 -11.39 -15.19
N ALA D 85 30.73 -11.97 -14.56
CA ALA D 85 30.63 -13.42 -14.44
C ALA D 85 30.30 -14.06 -15.79
N VAL D 86 29.44 -13.41 -16.56
CA VAL D 86 29.07 -13.93 -17.88
C VAL D 86 30.26 -13.89 -18.83
N SER D 87 30.98 -12.76 -18.87
CA SER D 87 32.08 -12.67 -19.82
C SER D 87 33.20 -13.64 -19.46
N LYS D 88 33.34 -13.97 -18.18
CA LYS D 88 34.29 -14.99 -17.78
C LYS D 88 33.83 -16.39 -18.20
N HIS D 89 32.53 -16.68 -18.12
CA HIS D 89 32.04 -18.02 -18.41
C HIS D 89 31.46 -18.20 -19.80
N ALA D 90 31.20 -17.12 -20.53
CA ALA D 90 30.67 -17.27 -21.88
C ALA D 90 31.56 -18.09 -22.80
N PRO D 91 32.90 -17.99 -22.78
CA PRO D 91 33.71 -18.76 -23.74
C PRO D 91 33.52 -20.26 -23.67
N ASP D 92 33.00 -20.79 -22.57
CA ASP D 92 32.77 -22.22 -22.47
C ASP D 92 31.40 -22.63 -23.00
N ALA D 93 30.48 -21.70 -23.11
CA ALA D 93 29.09 -22.05 -23.32
C ALA D 93 28.77 -22.26 -24.79
N ASN D 94 27.89 -23.22 -25.05
CA ASN D 94 27.24 -23.34 -26.35
C ASN D 94 25.91 -22.62 -26.40
N VAL D 95 25.24 -22.48 -25.25
CA VAL D 95 23.95 -21.84 -25.16
C VAL D 95 23.98 -20.88 -23.99
N LEU D 96 23.50 -19.66 -24.21
CA LEU D 96 23.38 -18.66 -23.16
C LEU D 96 21.92 -18.31 -22.95
N VAL D 97 21.45 -18.43 -21.72
CA VAL D 97 20.06 -18.18 -21.38
C VAL D 97 20.04 -17.04 -20.37
N MET D 98 19.57 -15.87 -20.81
CA MET D 98 19.55 -14.67 -19.96
C MET D 98 18.18 -14.56 -19.28
N ALA D 99 17.99 -15.37 -18.24
CA ALA D 99 16.73 -15.34 -17.51
C ALA D 99 16.76 -14.46 -16.27
N ALA D 100 17.87 -13.79 -16.00
CA ALA D 100 17.97 -12.97 -14.81
C ALA D 100 17.26 -11.64 -15.00
N ALA D 101 16.66 -11.13 -13.92
CA ALA D 101 16.09 -9.80 -13.96
C ALA D 101 17.21 -8.80 -13.68
N VAL D 102 17.99 -8.52 -14.72
CA VAL D 102 19.12 -7.64 -14.57
C VAL D 102 18.62 -6.21 -14.43
N ALA D 103 19.09 -5.51 -13.40
CA ALA D 103 18.65 -4.15 -13.18
C ALA D 103 19.10 -3.27 -14.32
N ASP D 104 18.18 -2.46 -14.84
CA ASP D 104 18.50 -1.57 -15.94
C ASP D 104 19.38 -0.43 -15.48
N PHE D 105 19.30 -0.06 -14.21
CA PHE D 105 20.01 1.07 -13.67
C PHE D 105 20.56 0.73 -12.28
N ARG D 106 21.62 1.42 -11.90
CA ARG D 106 22.22 1.36 -10.58
C ARG D 106 22.44 2.78 -10.08
N PRO D 107 22.51 3.00 -8.76
CA PRO D 107 22.89 4.33 -8.26
C PRO D 107 24.24 4.74 -8.83
N ALA D 108 24.34 6.01 -9.25
CA ALA D 108 25.55 6.49 -9.91
C ALA D 108 26.72 6.62 -8.96
N HIS D 109 26.45 6.84 -7.68
CA HIS D 109 27.48 6.94 -6.67
C HIS D 109 27.11 6.00 -5.57
N VAL D 110 28.06 5.22 -5.11
CA VAL D 110 27.84 4.31 -4.00
C VAL D 110 28.58 4.91 -2.83
N ALA D 111 27.87 5.15 -1.74
CA ALA D 111 28.49 5.68 -0.55
C ALA D 111 29.33 4.59 0.12
N ALA D 112 30.50 5.01 0.62
CA ALA D 112 31.37 4.07 1.31
C ALA D 112 30.86 3.76 2.71
N ALA D 113 30.09 4.66 3.29
CA ALA D 113 29.42 4.43 4.57
C ALA D 113 27.92 4.50 4.37
N LYS D 114 27.18 4.07 5.39
CA LYS D 114 25.72 4.13 5.32
C LYS D 114 25.30 5.60 5.28
N ILE D 115 24.34 5.90 4.43
CA ILE D 115 23.89 7.27 4.24
C ILE D 115 22.96 7.63 5.40
N LYS D 116 23.34 8.69 6.14
CA LYS D 116 22.56 9.11 7.31
C LYS D 116 21.28 9.82 6.90
N LYS D 117 20.25 9.65 7.73
CA LYS D 117 19.00 10.38 7.52
C LYS D 117 19.22 11.83 7.89
N GLY D 118 18.87 12.73 6.98
CA GLY D 118 19.04 14.14 7.26
C GLY D 118 17.92 14.67 8.12
N ALA D 119 18.21 15.70 8.89
CA ALA D 119 17.09 16.45 9.44
C ALA D 119 16.50 17.37 8.40
N SER D 120 16.99 17.30 7.17
CA SER D 120 16.56 18.12 6.06
C SER D 120 16.07 17.20 4.95
N GLU D 121 15.41 17.80 3.95
CA GLU D 121 14.89 17.10 2.79
C GLU D 121 15.91 16.09 2.27
N PRO D 122 15.47 14.89 1.90
CA PRO D 122 16.41 13.89 1.35
C PRO D 122 16.75 14.23 -0.09
N SER D 123 17.77 13.57 -0.60
CA SER D 123 18.24 13.91 -1.93
C SER D 123 18.09 12.72 -2.85
N SER D 124 18.01 13.04 -4.14
CA SER D 124 17.59 12.04 -5.09
C SER D 124 18.64 10.94 -5.19
N ILE D 125 18.23 9.85 -5.82
CA ILE D 125 19.17 8.83 -6.22
C ILE D 125 19.48 9.11 -7.68
N ASP D 126 20.67 9.64 -7.93
CA ASP D 126 21.05 9.84 -9.32
C ASP D 126 21.39 8.47 -9.89
N LEU D 127 20.84 8.16 -11.04
CA LEU D 127 21.05 6.87 -11.65
C LEU D 127 21.91 6.80 -12.91
N VAL D 128 22.60 5.70 -13.11
CA VAL D 128 23.37 5.45 -14.30
C VAL D 128 22.93 4.10 -14.85
N ARG D 129 23.10 3.90 -16.13
CA ARG D 129 22.67 2.70 -16.78
C ARG D 129 23.68 1.60 -16.74
N ASN D 130 23.20 0.40 -16.53
CA ASN D 130 24.05 -0.74 -16.48
C ASN D 130 24.19 -1.25 -17.88
N ASP D 131 25.27 -1.90 -18.15
CA ASP D 131 25.49 -2.48 -19.45
C ASP D 131 24.53 -3.61 -19.81
N ASP D 132 24.04 -3.63 -21.06
CA ASP D 132 23.11 -4.65 -21.52
C ASP D 132 23.92 -5.91 -21.74
N VAL D 133 23.80 -6.86 -20.81
CA VAL D 133 24.64 -8.06 -20.91
C VAL D 133 24.17 -8.93 -22.07
N LEU D 134 22.85 -9.05 -22.25
CA LEU D 134 22.33 -9.78 -23.40
C LEU D 134 22.80 -9.15 -24.71
N ALA D 135 22.74 -7.82 -24.81
CA ALA D 135 23.21 -7.14 -26.02
C ALA D 135 24.72 -7.26 -26.14
N GLY D 136 25.45 -7.16 -25.04
CA GLY D 136 26.88 -7.31 -25.10
C GLY D 136 27.28 -8.68 -25.61
N ALA D 137 26.58 -9.73 -25.16
CA ALA D 137 26.89 -11.07 -25.61
C ALA D 137 26.59 -11.26 -27.10
N VAL D 138 25.44 -10.75 -27.56
CA VAL D 138 25.10 -10.90 -28.97
C VAL D 138 26.14 -10.24 -29.86
N ARG D 139 26.62 -9.06 -29.45
CA ARG D 139 27.62 -8.34 -30.22
C ARG D 139 28.97 -9.05 -30.20
N ALA D 140 29.37 -9.58 -29.04
CA ALA D 140 30.60 -10.36 -28.95
C ALA D 140 30.58 -11.53 -29.92
N ARG D 141 29.45 -12.22 -29.99
CA ARG D 141 29.30 -13.33 -30.93
C ARG D 141 29.44 -12.86 -32.37
N ALA D 142 28.73 -11.79 -32.72
CA ALA D 142 28.77 -11.32 -34.10
C ALA D 142 30.16 -10.90 -34.52
N ASP D 143 31.03 -10.57 -33.57
CA ASP D 143 32.40 -10.18 -33.88
C ASP D 143 33.37 -11.35 -33.88
N GLY D 144 32.87 -12.59 -33.81
CA GLY D 144 33.70 -13.76 -33.82
C GLY D 144 34.38 -14.11 -32.51
N GLN D 145 33.99 -13.50 -31.38
CA GLN D 145 34.64 -13.72 -30.10
C GLN D 145 34.05 -14.89 -29.32
N LEU D 146 32.90 -15.42 -29.74
CA LEU D 146 32.23 -16.52 -29.05
C LEU D 146 31.96 -17.65 -30.03
N PRO D 147 33.00 -18.28 -30.56
CA PRO D 147 32.81 -19.29 -31.62
C PRO D 147 32.05 -20.52 -31.14
N ASN D 148 32.01 -20.79 -29.84
CA ASN D 148 31.28 -21.95 -29.35
C ASN D 148 29.80 -21.66 -29.19
N MET D 149 29.44 -20.39 -29.12
CA MET D 149 28.07 -19.98 -28.84
C MET D 149 27.18 -20.35 -29.99
N ARG D 150 26.27 -21.29 -29.78
CA ARG D 150 25.33 -21.64 -30.82
C ARG D 150 23.96 -21.01 -30.62
N ALA D 151 23.56 -20.72 -29.39
CA ALA D 151 22.24 -20.19 -29.15
C ALA D 151 22.26 -19.16 -28.03
N ILE D 152 21.68 -17.99 -28.29
CA ILE D 152 21.50 -16.94 -27.29
C ILE D 152 20.00 -16.73 -27.11
N VAL D 153 19.54 -16.90 -25.87
CA VAL D 153 18.12 -16.86 -25.50
C VAL D 153 17.90 -15.65 -24.60
N GLY D 154 16.94 -14.81 -24.97
CA GLY D 154 16.59 -13.72 -24.08
C GLY D 154 15.27 -13.94 -23.37
N PHE D 155 15.04 -13.16 -22.33
CA PHE D 155 13.79 -13.17 -21.58
C PHE D 155 13.26 -11.75 -21.53
N ALA D 156 11.96 -11.60 -21.55
CA ALA D 156 11.41 -10.26 -21.49
C ALA D 156 10.03 -10.31 -20.86
N ALA D 157 9.68 -9.26 -20.15
CA ALA D 157 8.35 -9.07 -19.60
C ALA D 157 7.69 -7.86 -20.27
N GLU D 158 6.61 -8.10 -21.01
CA GLU D 158 5.92 -7.04 -21.73
C GLU D 158 4.44 -7.05 -21.37
N THR D 159 3.85 -5.86 -21.30
CA THR D 159 2.42 -5.72 -21.09
C THR D 159 1.84 -4.91 -22.25
N GLY D 160 0.53 -4.65 -22.17
CA GLY D 160 -0.08 -3.79 -23.17
C GLY D 160 0.22 -2.32 -22.86
N ASP D 161 0.38 -1.53 -23.92
CA ASP D 161 0.67 -0.11 -23.82
C ASP D 161 -0.14 0.65 -24.87
N ALA D 162 -0.06 1.98 -24.83
CA ALA D 162 -0.68 2.80 -25.86
C ALA D 162 0.21 2.97 -27.09
N ASN D 163 1.41 2.41 -27.07
CA ASN D 163 2.29 2.33 -28.23
C ASN D 163 2.26 0.96 -28.89
N GLY D 164 1.43 0.06 -28.40
CA GLY D 164 1.36 -1.29 -28.92
C GLY D 164 0.98 -2.25 -27.81
N ASP D 165 0.80 -3.49 -28.21
CA ASP D 165 0.38 -4.57 -27.33
C ASP D 165 1.58 -5.45 -27.01
N VAL D 166 1.32 -6.59 -26.37
CA VAL D 166 2.39 -7.47 -25.92
C VAL D 166 3.28 -7.92 -27.08
N LEU D 167 2.68 -8.31 -28.22
CA LEU D 167 3.52 -8.80 -29.31
C LEU D 167 4.30 -7.70 -30.01
N PHE D 168 3.72 -6.50 -30.14
CA PHE D 168 4.42 -5.41 -30.81
C PHE D 168 5.75 -5.11 -30.15
N HIS D 169 5.77 -4.96 -28.82
CA HIS D 169 7.02 -4.68 -28.13
C HIS D 169 7.94 -5.89 -28.07
N ALA D 170 7.41 -7.10 -28.07
CA ALA D 170 8.26 -8.28 -27.97
C ALA D 170 9.10 -8.48 -29.23
N ARG D 171 8.49 -8.33 -30.40
CA ARG D 171 9.27 -8.44 -31.63
C ARG D 171 10.29 -7.31 -31.72
N ALA D 172 9.82 -6.07 -31.54
CA ALA D 172 10.76 -4.95 -31.48
C ALA D 172 11.88 -5.21 -30.48
N LYS D 173 11.55 -5.87 -29.36
CA LYS D 173 12.56 -6.21 -28.38
C LYS D 173 13.57 -7.21 -28.94
N LEU D 174 13.08 -8.26 -29.60
CA LEU D 174 13.99 -9.28 -30.13
C LEU D 174 14.93 -8.70 -31.17
N GLU D 175 14.40 -7.96 -32.13
CA GLU D 175 15.26 -7.42 -33.18
C GLU D 175 16.25 -6.39 -32.65
N ARG D 176 15.93 -5.75 -31.54
CA ARG D 176 16.85 -4.79 -30.97
C ARG D 176 17.91 -5.47 -30.10
N LYS D 177 17.56 -6.63 -29.49
CA LYS D 177 18.50 -7.43 -28.71
C LYS D 177 19.40 -8.27 -29.61
N GLY D 178 18.89 -8.73 -30.74
CA GLY D 178 19.68 -9.50 -31.68
C GLY D 178 19.94 -10.93 -31.27
N CYS D 179 19.24 -11.43 -30.26
CA CYS D 179 19.43 -12.80 -29.77
C CYS D 179 18.67 -13.76 -30.68
N ASP D 180 18.80 -15.06 -30.38
CA ASP D 180 18.15 -16.07 -31.20
C ASP D 180 16.71 -16.36 -30.78
N LEU D 181 16.44 -16.32 -29.49
CA LEU D 181 15.12 -16.63 -28.96
C LEU D 181 14.76 -15.60 -27.91
N LEU D 182 13.47 -15.29 -27.83
CA LEU D 182 12.93 -14.41 -26.81
C LEU D 182 11.80 -15.12 -26.08
N VAL D 183 11.94 -15.30 -24.77
CA VAL D 183 10.89 -15.85 -23.94
C VAL D 183 10.11 -14.69 -23.33
N VAL D 184 8.92 -14.46 -23.83
CA VAL D 184 8.14 -13.30 -23.46
C VAL D 184 7.15 -13.72 -22.39
N ASN D 185 7.19 -13.03 -21.25
CA ASN D 185 6.23 -13.22 -20.17
C ASN D 185 6.23 -14.63 -19.62
N ALA D 186 7.44 -15.21 -19.48
CA ALA D 186 7.60 -16.44 -18.70
C ALA D 186 7.65 -16.11 -17.21
N VAL D 187 6.53 -15.55 -16.71
CA VAL D 187 6.41 -15.06 -15.35
C VAL D 187 5.19 -15.71 -14.69
N GLY D 188 5.07 -15.52 -13.38
CA GLY D 188 3.98 -16.08 -12.62
C GLY D 188 4.37 -17.22 -11.69
N ARG D 191 -0.20 -19.06 -9.84
CA ARG D 191 -0.86 -19.29 -8.56
C ARG D 191 -2.26 -18.64 -8.51
N ALA D 192 -2.89 -18.70 -7.34
CA ALA D 192 -4.25 -18.21 -7.19
C ALA D 192 -4.29 -16.69 -7.13
N PHE D 193 -5.38 -16.13 -7.67
CA PHE D 193 -5.62 -14.69 -7.76
C PHE D 193 -4.59 -13.98 -8.62
N GLU D 194 -3.77 -14.74 -9.34
CA GLU D 194 -2.81 -14.23 -10.29
C GLU D 194 -3.40 -14.39 -11.70
N VAL D 195 -3.60 -13.28 -12.40
CA VAL D 195 -4.28 -13.31 -13.69
C VAL D 195 -3.32 -13.80 -14.77
N ASP D 196 -3.76 -14.78 -15.57
CA ASP D 196 -3.12 -15.12 -16.82
C ASP D 196 -3.58 -14.10 -17.86
N HIS D 197 -2.65 -13.30 -18.38
CA HIS D 197 -2.98 -12.31 -19.40
C HIS D 197 -2.93 -12.88 -20.80
N ASN D 198 -2.73 -14.20 -20.92
CA ASN D 198 -2.69 -14.90 -22.19
C ASN D 198 -1.67 -14.27 -23.15
N ASP D 199 -0.51 -13.92 -22.59
CA ASP D 199 0.52 -13.18 -23.32
C ASP D 199 1.89 -13.83 -23.20
N GLY D 200 1.93 -15.12 -22.89
CA GLY D 200 3.19 -15.86 -22.90
C GLY D 200 3.53 -16.27 -24.32
N TRP D 201 4.75 -15.95 -24.75
CA TRP D 201 5.15 -16.15 -26.13
C TRP D 201 6.58 -16.67 -26.20
N LEU D 202 6.92 -17.20 -27.36
CA LEU D 202 8.27 -17.73 -27.61
C LEU D 202 8.64 -17.32 -29.02
N LEU D 203 9.51 -16.33 -29.16
CA LEU D 203 9.82 -15.71 -30.44
C LEU D 203 11.22 -16.11 -30.92
N SER D 204 11.28 -16.70 -32.11
CA SER D 204 12.56 -17.05 -32.70
C SER D 204 12.94 -16.01 -33.74
N ALA D 205 14.26 -15.83 -33.92
CA ALA D 205 14.77 -14.80 -34.82
C ALA D 205 14.44 -15.05 -36.29
N ASP D 206 14.00 -16.24 -36.65
CA ASP D 206 13.58 -16.52 -38.02
C ASP D 206 12.14 -16.11 -38.29
N GLY D 207 11.45 -15.53 -37.31
CA GLY D 207 10.06 -15.15 -37.46
C GLY D 207 9.06 -16.13 -36.89
N THR D 208 9.52 -17.23 -36.28
CA THR D 208 8.63 -18.15 -35.59
C THR D 208 8.18 -17.60 -34.25
N GLU D 209 6.88 -17.64 -33.99
CA GLU D 209 6.32 -17.22 -32.72
C GLU D 209 5.40 -18.32 -32.23
N SER D 210 5.72 -18.90 -31.09
CA SER D 210 4.91 -19.94 -30.47
C SER D 210 4.35 -19.42 -29.15
N ALA D 211 3.10 -19.76 -28.87
CA ALA D 211 2.52 -19.35 -27.61
C ALA D 211 3.06 -20.19 -26.47
N LEU D 212 3.19 -19.54 -25.32
CA LEU D 212 3.65 -20.18 -24.10
C LEU D 212 2.44 -20.37 -23.21
N GLU D 213 1.94 -21.61 -23.14
CA GLU D 213 0.85 -21.92 -22.24
C GLU D 213 1.35 -21.69 -20.81
N HIS D 214 0.89 -20.60 -20.19
CA HIS D 214 1.26 -20.33 -18.80
C HIS D 214 0.83 -21.50 -17.93
N GLY D 215 1.71 -21.92 -17.02
CA GLY D 215 1.50 -23.08 -16.19
C GLY D 215 2.54 -23.12 -15.09
N SER D 216 2.92 -24.30 -14.63
CA SER D 216 3.98 -24.40 -13.64
C SER D 216 5.31 -23.95 -14.24
N LYS D 217 6.18 -23.42 -13.38
CA LYS D 217 7.52 -23.06 -13.83
C LYS D 217 8.21 -24.23 -14.52
N THR D 218 7.91 -25.47 -14.10
CA THR D 218 8.54 -26.66 -14.68
C THR D 218 8.09 -26.89 -16.12
N LEU D 219 6.79 -26.72 -16.40
CA LEU D 219 6.32 -26.94 -17.76
C LEU D 219 6.85 -25.87 -18.71
N MET D 220 6.91 -24.64 -18.25
CA MET D 220 7.45 -23.59 -19.11
C MET D 220 8.91 -23.84 -19.43
N ALA D 221 9.69 -24.36 -18.46
CA ALA D 221 11.09 -24.69 -18.70
C ALA D 221 11.23 -25.74 -19.79
N THR D 222 10.37 -26.77 -19.74
CA THR D 222 10.34 -27.80 -20.76
C THR D 222 10.09 -27.21 -22.14
N ARG D 223 9.09 -26.33 -22.24
CA ARG D 223 8.82 -25.67 -23.51
C ARG D 223 9.97 -24.79 -23.95
N ILE D 224 10.65 -24.13 -23.01
CA ILE D 224 11.82 -23.33 -23.39
C ILE D 224 12.95 -24.24 -23.85
N VAL D 225 13.19 -25.32 -23.12
CA VAL D 225 14.30 -26.20 -23.49
C VAL D 225 13.95 -26.98 -24.74
N ASP D 226 12.66 -27.23 -24.99
CA ASP D 226 12.28 -27.80 -26.27
C ASP D 226 12.72 -26.91 -27.43
N SER D 227 12.56 -25.60 -27.28
CA SER D 227 12.87 -24.68 -28.37
C SER D 227 14.36 -24.56 -28.59
N ILE D 228 15.12 -24.59 -27.51
CA ILE D 228 16.57 -24.58 -27.61
C ILE D 228 17.05 -25.84 -28.33
N ALA D 229 16.56 -26.99 -27.89
CA ALA D 229 16.97 -28.24 -28.53
C ALA D 229 16.59 -28.25 -30.00
N ALA D 230 15.42 -27.70 -30.33
CA ALA D 230 14.99 -27.65 -31.72
C ALA D 230 15.74 -26.61 -32.54
N PHE D 231 16.19 -25.52 -31.89
CA PHE D 231 16.96 -24.51 -32.59
C PHE D 231 18.40 -24.96 -32.80
N LEU D 232 18.92 -25.78 -31.89
CA LEU D 232 20.27 -26.30 -32.03
C LEU D 232 20.38 -27.35 -33.11
N LYS D 233 19.32 -28.12 -33.36
CA LYS D 233 19.39 -29.16 -34.38
C LYS D 233 19.03 -28.68 -35.76
N SER D 234 18.25 -27.59 -35.88
CA SER D 234 18.04 -27.00 -37.19
C SER D 234 19.35 -26.47 -37.78
N GLN D 235 20.30 -26.10 -36.92
CA GLN D 235 21.58 -25.56 -37.35
C GLN D 235 22.64 -26.65 -37.37
N1 CTP E . -15.31 -7.42 -8.04
C2 CTP E . -14.06 -7.97 -7.86
N3 CTP E . -12.95 -7.34 -8.39
C4 CTP E . -13.10 -6.26 -9.24
C5 CTP E . -14.41 -5.81 -9.54
C6 CTP E . -15.50 -6.46 -9.00
O2 CTP E . -13.91 -9.02 -7.25
N4 CTP E . -12.02 -5.66 -9.74
C1' CTP E . -16.46 -8.20 -7.57
C2' CTP E . -17.38 -7.41 -6.65
O2' CTP E . -17.06 -7.63 -5.31
C3' CTP E . -18.73 -7.99 -6.96
C4' CTP E . -18.60 -8.63 -8.32
O4' CTP E . -17.25 -8.61 -8.67
O3' CTP E . -18.98 -9.03 -6.05
C5' CTP E . -19.35 -7.88 -9.42
O5' CTP E . -19.11 -6.48 -9.39
PA CTP E . -19.54 -5.68 -10.72
O1A CTP E . -21.04 -5.62 -10.82
O2A CTP E . -18.87 -4.32 -10.80
O3A CTP E . -18.93 -6.69 -11.83
PB CTP E . -18.22 -5.98 -13.06
O1B CTP E . -17.75 -6.91 -14.15
O2B CTP E . -17.13 -5.05 -12.58
O3B CTP E . -19.49 -5.11 -13.48
PG CTP E . -19.48 -3.89 -14.54
O1G CTP E . -20.91 -3.80 -15.01
O2G CTP E . -18.55 -4.21 -15.69
O3G CTP E . -19.03 -2.65 -13.82
CA CA F . -17.28 -2.88 -12.03
N12 VE6 G . -23.86 -4.20 -3.30
C13 VE6 G . -22.89 -4.26 -4.34
C15 VE6 G . -22.24 -4.00 -6.62
C20 VE6 G . -24.99 -4.92 -3.22
C21 VE6 G . -25.57 -5.88 -4.05
C22 VE6 G . -26.79 -6.46 -3.69
C02 VE6 G . -27.44 -6.09 -2.51
C03 VE6 G . -26.88 -5.13 -1.69
C04 VE6 G . -25.65 -4.56 -2.05
C05 VE6 G . -24.83 -3.56 -1.41
C06 VE6 G . -25.12 -2.86 -0.10
C07 VE6 G . -24.09 -2.60 1.00
C11 VE6 G . -23.73 -3.40 -2.26
C14 VE6 G . -23.21 -3.94 -5.64
C16 VE6 G . -20.94 -4.36 -6.29
C18 VE6 G . -20.62 -4.67 -4.99
C19 VE6 G . -21.59 -4.62 -4.01
O08 VE6 G . -24.23 -1.55 1.69
O09 VE6 G . -23.13 -3.41 1.22
O10 VE6 G . -26.26 -2.47 0.11
O17 VE6 G . -19.96 -4.40 -7.30
BR01 VE6 G . -29.12 -6.91 -2.02
N1 CTP H . -10.71 26.12 -1.22
C2 CTP H . -11.85 26.60 -1.84
N3 CTP H . -12.17 26.24 -3.09
C4 CTP H . -11.36 25.40 -3.76
C5 CTP H . -10.22 24.91 -3.16
C6 CTP H . -9.89 25.29 -1.86
O2 CTP H . -12.55 27.38 -1.19
N4 CTP H . -11.67 25.02 -5.00
C1' CTP H . -10.47 26.61 0.13
C2' CTP H . -10.37 25.53 1.18
O2' CTP H . -11.49 25.53 2.05
C3' CTP H . -9.18 25.91 1.99
C4' CTP H . -8.42 26.97 1.21
O4' CTP H . -9.24 27.33 0.11
O3' CTP H . -9.64 26.51 3.18
C5' CTP H . -7.06 26.51 0.71
O5' CTP H . -7.07 25.15 0.29
PA CTP H . -5.81 24.44 -0.40
O1A CTP H . -5.97 22.97 -0.20
O2A CTP H . -4.53 25.10 0.04
O3A CTP H . -6.07 24.65 -1.95
PB CTP H . -5.31 25.76 -2.78
O1B CTP H . -6.17 26.09 -3.95
O2B CTP H . -5.02 26.94 -1.92
O3B CTP H . -3.90 25.12 -3.26
PG CTP H . -3.40 23.58 -3.32
O1G CTP H . -4.42 22.84 -4.11
O2G CTP H . -2.11 23.73 -4.05
O3G CTP H . -3.18 23.07 -1.94
CA CA I . -6.66 22.59 -2.59
N1 CTP J . 13.35 3.07 13.10
C2 CTP J . 12.01 3.38 13.08
N3 CTP J . 11.47 4.04 12.01
C4 CTP J . 12.33 4.53 11.04
C5 CTP J . 13.71 4.33 11.16
C6 CTP J . 14.20 3.83 12.34
O2 CTP J . 11.31 3.06 14.02
N4 CTP J . 11.83 5.20 10.02
C1' CTP J . 13.85 2.43 14.31
C2' CTP J . 14.62 1.17 13.98
O2' CTP J . 13.80 0.03 14.10
C3' CTP J . 15.69 1.18 15.04
C4' CTP J . 15.84 2.62 15.47
O4' CTP J . 14.75 3.31 14.92
O3' CTP J . 15.20 0.51 16.16
C5' CTP J . 17.10 3.30 14.93
O5' CTP J . 17.26 3.07 13.55
PA CTP J . 18.63 3.53 12.84
O1A CTP J . 18.52 3.47 11.34
O2A CTP J . 19.83 2.73 13.32
O3A CTP J . 18.65 5.04 13.40
PB CTP J . 18.03 6.26 12.59
O1B CTP J . 17.08 7.03 13.48
O2B CTP J . 17.39 5.78 11.33
O3B CTP J . 19.35 7.13 12.28
PG CTP J . 20.38 6.92 11.04
O1G CTP J . 19.87 5.87 10.06
O2G CTP J . 20.56 8.26 10.35
O3G CTP J . 21.70 6.42 11.58
CA CA K . 17.98 4.50 9.58
N12 VE6 L . 19.89 -4.55 13.70
C13 VE6 L . 19.42 -3.28 13.25
C15 VE6 L . 17.56 -1.88 12.72
C20 VE6 L . 20.66 -4.80 14.77
C21 VE6 L . 21.25 -3.96 15.76
C22 VE6 L . 22.00 -4.53 16.77
C02 VE6 L . 22.19 -5.91 16.81
C03 VE6 L . 21.63 -6.74 15.85
C04 VE6 L . 20.86 -6.18 14.84
C05 VE6 L . 20.16 -6.74 13.72
C06 VE6 L . 20.02 -8.19 13.30
C07 VE6 L . 18.82 -8.52 12.41
C11 VE6 L . 19.58 -5.66 13.07
C14 VE6 L . 18.06 -3.09 13.16
C16 VE6 L . 18.42 -0.85 12.37
C18 VE6 L . 19.78 -1.05 12.45
C19 VE6 L . 20.27 -2.27 12.89
O08 VE6 L . 17.64 -8.60 12.90
O09 VE6 L . 18.98 -8.65 11.15
O10 VE6 L . 20.82 -9.04 13.67
O17 VE6 L . 17.88 0.37 11.91
BR01 VE6 L . 23.23 -6.72 18.20
N1 CTP M . 19.32 -7.57 -19.67
C2 CTP M . 20.70 -7.52 -19.59
N3 CTP M . 21.32 -6.45 -19.11
C4 CTP M . 20.61 -5.39 -18.71
C5 CTP M . 19.24 -5.41 -18.80
C6 CTP M . 18.59 -6.52 -19.29
O2 CTP M . 21.31 -8.52 -19.96
N4 CTP M . 21.23 -4.32 -18.21
C1' CTP M . 18.75 -8.76 -20.25
C2' CTP M . 17.97 -9.62 -19.28
O2' CTP M . 18.69 -10.78 -18.91
C3' CTP M . 16.79 -10.03 -20.11
C4' CTP M . 16.62 -8.96 -21.17
O4' CTP M . 17.88 -8.32 -21.28
O3' CTP M . 17.07 -11.24 -20.78
C5' CTP M . 15.55 -7.97 -20.76
O5' CTP M . 15.52 -6.84 -21.62
PA CTP M . 14.88 -5.45 -21.14
O1A CTP M . 15.04 -4.45 -22.22
O2A CTP M . 15.40 -5.08 -19.80
O3A CTP M . 13.38 -5.93 -21.10
PB CTP M . 12.45 -6.08 -19.80
O1B CTP M . 11.51 -7.17 -20.16
O2B CTP M . 13.26 -6.28 -18.56
O3B CTP M . 11.56 -4.74 -19.77
PG CTP M . 12.08 -3.24 -19.51
O1G CTP M . 10.94 -2.54 -18.84
O2G CTP M . 12.43 -2.65 -20.85
O3G CTP M . 13.27 -3.41 -18.60
CA CA N . 14.74 -4.11 -17.77
#